data_5GXI
#
_entry.id   5GXI
#
_cell.length_a   57.850
_cell.length_b   124.520
_cell.length_c   60.600
_cell.angle_alpha   90.00
_cell.angle_beta   116.77
_cell.angle_gamma   90.00
#
_symmetry.space_group_name_H-M   'P 1 21 1'
#
loop_
_entity.id
_entity.type
_entity.pdbx_description
1 polymer 'Gem-associated protein 5'
2 polymer "RNA (5'-R(*A*AP*UP*UP*UP*UP*UP*GP*AP*G)-3')"
3 non-polymer 'UNKNOWN ATOM OR ION'
4 water water
#
loop_
_entity_poly.entity_id
_entity_poly.type
_entity_poly.pdbx_seq_one_letter_code
_entity_poly.pdbx_strand_id
1 'polypeptide(L)'
;MHHHHHHSSGRENLYFQGMGQEPRTLPPSPNWYCARCSDAVPGGLFGFAARTSVFLVRVGPGAGESPGTPPFRVIGELVG
HTERVSGFTFSHHPGQYNLCATSSDDGTVKIWDVETKTVVTEHALHQHTISTLHWSPRVKDLIVSGDEKGVVFCYWFNRN
DSQHLFIEPRTIFCLTCSPHHEDLVAIGYKDGIVVIIDISKKGEVIHRLRGHDDEIHSIAWCPLPGEDCLSINQEETSEE
AEITNGNAVAQAPVTKGCYLATGSKDQTIRIWSCSRGRGVMILKLPFLKRRGGGIDPTVKERLWLTLHWPSNQPTQLVSS
CFGGELLQWDLTQSWRRKYTLFSASSEGQNHSRIVFNLCPLQTEDDKQLLLSTSMDRDVKCWDIATLECSWTLPSLGGFA
YSLAFSSVDIGSLAIGVGDGMIRVWNTLSIKNNYDVKNFWQGVKSKVTALCWHPTKEGCLAFGTDDGKVGLYDTYSNKPP
QISSTYHKKTVYTLAWGPPVPPMSLGGEGDRPSLALYSCGGEGIVLQHNPWKLSGEAFDINKLIRDTNSIKYKLPVHTEI
SWKADGKIMALGNEDGSIEIFQIPNLKLICTIQQHHKLVNTISWHHEHGSQPELSYLMASGSNNAVIYVHNLKTVIESSP
ESPVTITEPYRTLSGHTAKITSVAWSPHHDGRLVSASYDGTAQVWDALREEPLCNFRGHQGRLLCVAWSPLDPDCIYSGA
DDFCVHKWLTSMQDHSRPPQGKKSIELEKKRLSQPKA
;
A
2 'polyribonucleotide' AAUUUUUGAG B
#
loop_
_chem_comp.id
_chem_comp.type
_chem_comp.name
_chem_comp.formula
A RNA linking ADENOSINE-5'-MONOPHOSPHATE 'C10 H14 N5 O7 P'
G RNA linking GUANOSINE-5'-MONOPHOSPHATE 'C10 H14 N5 O8 P'
U RNA linking URIDINE-5'-MONOPHOSPHATE 'C9 H13 N2 O9 P'
UNX non-polymer 'UNKNOWN ATOM OR ION' ?
#
# COMPACT_ATOMS: atom_id res chain seq x y z
N GLN A 21 12.42 -11.64 -11.84
CA GLN A 21 13.25 -10.95 -12.93
C GLN A 21 12.99 -9.42 -13.14
N GLU A 22 11.78 -8.87 -12.89
CA GLU A 22 11.54 -7.39 -12.84
C GLU A 22 10.98 -6.90 -11.45
N PRO A 23 11.19 -5.64 -11.15
CA PRO A 23 10.67 -5.15 -9.81
C PRO A 23 9.19 -5.13 -9.78
N ARG A 24 8.61 -5.05 -8.60
CA ARG A 24 7.20 -4.81 -8.44
C ARG A 24 7.04 -3.83 -7.29
N THR A 25 5.93 -3.08 -7.32
CA THR A 25 5.54 -2.20 -6.24
C THR A 25 4.08 -2.36 -5.91
N LEU A 26 3.79 -2.70 -4.66
CA LEU A 26 2.47 -2.60 -4.12
C LEU A 26 2.37 -1.20 -3.57
N PRO A 27 1.57 -0.35 -4.24
CA PRO A 27 1.63 1.06 -3.89
C PRO A 27 0.62 1.45 -2.81
N PRO A 28 0.69 2.68 -2.32
CA PRO A 28 -0.39 3.17 -1.53
C PRO A 28 -1.73 3.27 -2.27
N SER A 29 -2.81 3.26 -1.50
CA SER A 29 -4.10 3.21 -2.08
C SER A 29 -4.50 4.55 -2.70
N PRO A 30 -5.19 4.49 -3.87
CA PRO A 30 -5.80 5.67 -4.47
C PRO A 30 -6.65 6.44 -3.48
N ASN A 31 -6.53 7.77 -3.44
CA ASN A 31 -7.25 8.57 -2.43
C ASN A 31 -8.72 8.50 -2.65
N TRP A 32 -9.47 8.63 -1.57
CA TRP A 32 -10.92 8.50 -1.62
C TRP A 32 -11.64 9.84 -1.67
N TYR A 33 -12.87 9.84 -2.17
CA TYR A 33 -13.80 10.95 -2.12
C TYR A 33 -13.23 12.18 -2.84
N CYS A 34 -12.49 11.96 -3.94
CA CYS A 34 -11.97 13.02 -4.78
C CYS A 34 -12.56 12.78 -6.18
N ALA A 35 -13.29 13.79 -6.69
CA ALA A 35 -13.96 13.64 -7.97
C ALA A 35 -13.05 13.39 -9.15
N ARG A 36 -11.83 13.92 -9.15
CA ARG A 36 -10.86 13.61 -10.22
C ARG A 36 -9.46 13.61 -9.57
N CYS A 37 -9.03 12.43 -9.19
CA CYS A 37 -7.67 12.28 -8.71
C CYS A 37 -6.92 11.14 -9.39
N SER A 38 -7.34 10.87 -10.64
CA SER A 38 -6.73 9.86 -11.47
CA SER A 38 -6.84 9.77 -11.46
C SER A 38 -7.07 10.23 -12.90
N ASP A 39 -6.16 9.91 -13.82
CA ASP A 39 -6.40 10.16 -15.27
C ASP A 39 -5.44 9.31 -16.07
N ALA A 40 -5.73 9.23 -17.34
CA ALA A 40 -4.87 8.43 -18.23
C ALA A 40 -4.78 9.12 -19.60
N VAL A 41 -3.65 8.95 -20.28
CA VAL A 41 -3.45 9.42 -21.63
C VAL A 41 -3.14 8.28 -22.59
N PRO A 42 -3.31 8.54 -23.89
CA PRO A 42 -3.24 7.42 -24.84
C PRO A 42 -1.86 6.78 -24.91
N GLY A 43 -1.89 5.45 -25.14
CA GLY A 43 -0.66 4.65 -25.40
C GLY A 43 -0.59 3.40 -24.51
N GLY A 44 -0.56 3.55 -23.18
CA GLY A 44 -0.52 4.81 -22.52
C GLY A 44 -0.16 4.71 -21.04
N LEU A 45 -0.53 5.76 -20.32
CA LEU A 45 -0.03 5.99 -19.01
C LEU A 45 -1.19 6.39 -18.15
N PHE A 46 -1.27 5.74 -16.98
CA PHE A 46 -2.31 6.01 -15.97
C PHE A 46 -1.59 6.62 -14.76
N GLY A 47 -2.19 7.62 -14.17
CA GLY A 47 -1.63 8.17 -12.95
C GLY A 47 -2.75 8.22 -11.94
N PHE A 48 -2.39 8.02 -10.68
CA PHE A 48 -3.38 8.07 -9.58
C PHE A 48 -2.81 8.69 -8.35
N ALA A 49 -3.53 9.64 -7.78
CA ALA A 49 -3.17 10.24 -6.52
C ALA A 49 -3.35 9.23 -5.38
N ALA A 50 -2.33 9.12 -4.53
CA ALA A 50 -2.24 8.16 -3.38
C ALA A 50 -1.39 8.75 -2.33
N ARG A 51 -2.04 9.02 -1.20
CA ARG A 51 -1.46 9.81 -0.12
CA ARG A 51 -1.47 9.78 -0.13
C ARG A 51 -0.94 11.13 -0.67
N THR A 52 0.36 11.38 -0.59
CA THR A 52 0.96 12.66 -0.92
C THR A 52 1.69 12.59 -2.29
N SER A 53 1.43 11.53 -3.05
CA SER A 53 2.09 11.30 -4.35
C SER A 53 1.08 11.12 -5.47
N VAL A 54 1.58 11.15 -6.70
CA VAL A 54 0.94 10.45 -7.81
C VAL A 54 1.82 9.30 -8.28
N PHE A 55 1.26 8.12 -8.37
CA PHE A 55 1.85 6.92 -8.96
C PHE A 55 1.44 6.81 -10.44
N LEU A 56 2.43 6.46 -11.24
CA LEU A 56 2.30 6.26 -12.66
C LEU A 56 2.47 4.79 -13.01
N VAL A 57 1.60 4.34 -13.88
CA VAL A 57 1.51 2.96 -14.33
C VAL A 57 1.45 3.01 -15.88
N ARG A 58 2.45 2.42 -16.51
CA ARG A 58 2.37 2.12 -17.92
C ARG A 58 1.40 0.99 -18.21
N VAL A 59 0.53 1.17 -19.18
CA VAL A 59 -0.41 0.15 -19.56
C VAL A 59 -0.34 -0.07 -21.07
N GLY A 60 -0.43 -1.35 -21.49
CA GLY A 60 -0.42 -1.76 -22.93
C GLY A 60 0.97 -2.34 -23.36
N PRO A 61 1.23 -2.37 -24.68
CA PRO A 61 2.47 -3.02 -25.20
C PRO A 61 3.70 -2.37 -24.67
N GLY A 62 3.66 -1.04 -24.47
CA GLY A 62 4.78 -0.30 -23.85
C GLY A 62 5.23 -0.79 -22.47
N ALA A 63 4.37 -1.50 -21.74
CA ALA A 63 4.79 -2.06 -20.42
C ALA A 63 5.82 -3.22 -20.62
N GLY A 64 5.72 -3.91 -21.77
CA GLY A 64 6.66 -4.97 -22.16
C GLY A 64 6.47 -6.25 -21.36
N GLU A 65 5.21 -6.66 -21.22
CA GLU A 65 4.86 -7.88 -20.50
C GLU A 65 4.71 -9.09 -21.45
N SER A 66 5.09 -10.28 -20.95
CA SER A 66 4.84 -11.57 -21.61
C SER A 66 3.35 -11.76 -21.97
N PRO A 67 3.02 -12.31 -23.18
CA PRO A 67 1.58 -12.53 -23.54
C PRO A 67 0.79 -13.41 -22.53
N GLY A 68 -0.34 -12.92 -22.04
CA GLY A 68 -1.10 -13.61 -21.00
C GLY A 68 -0.96 -12.89 -19.67
N THR A 69 0.27 -12.48 -19.30
CA THR A 69 0.52 -11.59 -18.12
C THR A 69 0.03 -10.14 -18.33
N PRO A 70 -0.68 -9.56 -17.29
CA PRO A 70 -1.35 -8.32 -17.63
C PRO A 70 -0.36 -7.23 -18.06
N PRO A 71 -0.71 -6.53 -19.14
CA PRO A 71 0.20 -5.59 -19.73
C PRO A 71 0.13 -4.26 -18.92
N PHE A 72 0.60 -4.28 -17.67
CA PHE A 72 0.87 -3.04 -16.92
C PHE A 72 2.11 -3.11 -16.09
N ARG A 73 2.65 -1.96 -15.74
CA ARG A 73 3.77 -1.88 -14.87
C ARG A 73 3.77 -0.58 -14.13
N VAL A 74 4.04 -0.61 -12.82
CA VAL A 74 4.15 0.58 -12.01
C VAL A 74 5.55 1.18 -12.30
N ILE A 75 5.63 2.40 -12.80
CA ILE A 75 6.88 2.92 -13.34
C ILE A 75 7.39 4.14 -12.70
N GLY A 76 6.64 4.82 -11.85
CA GLY A 76 7.13 6.06 -11.36
C GLY A 76 6.23 6.73 -10.33
N GLU A 77 6.73 7.78 -9.74
CA GLU A 77 6.03 8.56 -8.72
C GLU A 77 6.32 10.01 -8.83
N LEU A 78 5.30 10.88 -8.65
CA LEU A 78 5.51 12.29 -8.59
C LEU A 78 5.54 12.65 -7.14
N VAL A 79 6.70 13.07 -6.72
CA VAL A 79 7.03 13.35 -5.32
C VAL A 79 7.28 14.81 -5.14
N GLY A 80 6.65 15.44 -4.12
CA GLY A 80 6.92 16.83 -3.76
C GLY A 80 5.81 17.50 -2.98
N HIS A 81 4.55 17.09 -3.16
CA HIS A 81 3.52 17.58 -2.27
C HIS A 81 3.77 17.10 -0.84
N THR A 82 3.38 17.94 0.10
CA THR A 82 3.55 17.64 1.53
C THR A 82 2.30 17.21 2.26
N GLU A 83 1.17 17.24 1.58
CA GLU A 83 -0.06 16.77 2.13
C GLU A 83 -0.84 16.04 1.01
N ARG A 84 -1.94 15.43 1.43
CA ARG A 84 -2.87 14.68 0.56
C ARG A 84 -2.99 15.33 -0.83
N VAL A 85 -2.82 14.53 -1.86
CA VAL A 85 -3.10 14.98 -3.22
C VAL A 85 -4.60 14.79 -3.52
N SER A 86 -5.32 15.86 -3.80
CA SER A 86 -6.78 15.86 -3.97
C SER A 86 -7.24 15.85 -5.39
N GLY A 87 -6.32 16.10 -6.30
CA GLY A 87 -6.65 16.22 -7.73
C GLY A 87 -5.49 15.82 -8.60
N PHE A 88 -5.82 15.28 -9.77
CA PHE A 88 -4.86 14.91 -10.78
C PHE A 88 -5.50 14.92 -12.12
N THR A 89 -4.81 15.50 -13.09
CA THR A 89 -5.33 15.63 -14.46
C THR A 89 -4.10 15.67 -15.41
N PHE A 90 -4.13 14.87 -16.47
CA PHE A 90 -3.13 14.98 -17.48
C PHE A 90 -3.57 16.12 -18.43
N SER A 91 -2.62 16.66 -19.17
CA SER A 91 -2.91 17.31 -20.42
C SER A 91 -3.32 16.28 -21.46
N HIS A 92 -4.33 16.62 -22.21
CA HIS A 92 -4.77 15.79 -23.36
C HIS A 92 -4.47 16.45 -24.72
N HIS A 93 -3.43 17.24 -24.75
CA HIS A 93 -3.03 17.95 -25.97
C HIS A 93 -1.93 17.07 -26.59
N PRO A 94 -2.17 16.54 -27.83
CA PRO A 94 -1.08 15.87 -28.62
C PRO A 94 0.27 16.56 -28.52
N GLY A 95 1.31 15.77 -28.26
CA GLY A 95 2.66 16.28 -28.04
C GLY A 95 3.00 16.68 -26.59
N GLN A 96 2.01 16.79 -25.70
CA GLN A 96 2.25 17.20 -24.29
C GLN A 96 1.43 16.29 -23.35
N TYR A 97 1.24 15.06 -23.77
CA TYR A 97 0.63 14.07 -22.89
C TYR A 97 1.52 13.78 -21.67
N ASN A 98 2.76 14.21 -21.72
CA ASN A 98 3.70 14.18 -20.60
C ASN A 98 3.47 15.19 -19.51
N LEU A 99 2.62 16.20 -19.78
CA LEU A 99 2.35 17.22 -18.77
C LEU A 99 1.08 16.82 -18.03
N CYS A 100 1.03 17.20 -16.75
CA CYS A 100 -0.10 16.93 -15.88
C CYS A 100 -0.06 17.91 -14.70
N ALA A 101 -1.16 17.96 -13.95
CA ALA A 101 -1.31 18.88 -12.86
C ALA A 101 -1.93 18.15 -11.67
N THR A 102 -1.56 18.64 -10.52
CA THR A 102 -2.06 18.12 -9.24
C THR A 102 -2.51 19.28 -8.40
N SER A 103 -3.46 18.96 -7.54
CA SER A 103 -3.84 19.77 -6.42
C SER A 103 -3.61 19.07 -5.12
N SER A 104 -3.42 19.84 -4.09
CA SER A 104 -3.10 19.26 -2.75
C SER A 104 -3.65 20.06 -1.60
N ASP A 105 -3.88 19.35 -0.49
CA ASP A 105 -4.15 20.03 0.77
C ASP A 105 -2.97 20.93 1.28
N ASP A 106 -1.78 20.81 0.67
CA ASP A 106 -0.67 21.75 0.99
C ASP A 106 -0.90 23.08 0.41
N GLY A 107 -2.01 23.28 -0.29
CA GLY A 107 -2.34 24.55 -0.88
C GLY A 107 -1.78 24.84 -2.27
N THR A 108 -1.09 23.89 -2.89
CA THR A 108 -0.49 24.19 -4.15
C THR A 108 -1.20 23.44 -5.32
N VAL A 109 -1.09 24.03 -6.50
CA VAL A 109 -1.41 23.43 -7.77
C VAL A 109 -0.08 23.33 -8.46
N LYS A 110 0.34 22.11 -8.78
CA LYS A 110 1.64 21.92 -9.48
C LYS A 110 1.48 21.38 -10.91
N ILE A 111 2.37 21.85 -11.80
CA ILE A 111 2.46 21.34 -13.18
C ILE A 111 3.67 20.47 -13.21
N TRP A 112 3.50 19.27 -13.70
CA TRP A 112 4.62 18.31 -13.73
C TRP A 112 4.89 17.78 -15.14
N ASP A 113 6.11 17.31 -15.36
CA ASP A 113 6.50 16.63 -16.57
C ASP A 113 6.82 15.21 -16.14
N VAL A 114 6.04 14.25 -16.60
CA VAL A 114 6.21 12.89 -16.14
C VAL A 114 7.48 12.26 -16.73
N GLU A 115 8.02 12.85 -17.78
CA GLU A 115 9.30 12.31 -18.31
C GLU A 115 10.43 12.49 -17.31
N THR A 116 10.50 13.64 -16.63
CA THR A 116 11.50 13.89 -15.65
C THR A 116 10.97 13.75 -14.24
N LYS A 117 9.66 13.60 -14.06
CA LYS A 117 9.06 13.51 -12.69
C LYS A 117 9.39 14.74 -11.90
N THR A 118 9.45 15.90 -12.54
CA THR A 118 9.77 17.11 -11.84
C THR A 118 8.66 18.15 -12.08
N VAL A 119 8.63 19.14 -11.19
CA VAL A 119 7.71 20.24 -11.28
C VAL A 119 8.16 21.24 -12.35
N VAL A 120 7.30 21.60 -13.27
CA VAL A 120 7.52 22.65 -14.20
C VAL A 120 7.33 24.00 -13.57
N THR A 121 6.20 24.18 -12.91
CA THR A 121 5.87 25.39 -12.22
C THR A 121 4.64 25.06 -11.34
N GLU A 122 4.21 26.01 -10.52
CA GLU A 122 3.18 25.77 -9.54
C GLU A 122 2.63 27.11 -9.06
N HIS A 123 1.46 27.07 -8.40
CA HIS A 123 0.96 28.27 -7.74
C HIS A 123 0.34 27.86 -6.40
N ALA A 124 0.23 28.87 -5.56
CA ALA A 124 -0.39 28.76 -4.24
C ALA A 124 -1.47 29.84 -4.13
N LEU A 125 -2.26 30.04 -5.17
CA LEU A 125 -3.32 31.07 -5.18
C LEU A 125 -4.53 30.78 -4.28
N HIS A 126 -4.87 29.50 -4.15
CA HIS A 126 -5.99 29.17 -3.29
C HIS A 126 -5.59 29.44 -1.81
N GLN A 127 -6.59 29.86 -1.09
CA GLN A 127 -6.48 30.06 0.34
C GLN A 127 -7.39 29.11 1.15
N HIS A 128 -8.16 28.24 0.49
CA HIS A 128 -9.00 27.26 1.16
C HIS A 128 -8.73 25.91 0.49
N THR A 129 -8.96 24.82 1.19
CA THR A 129 -8.75 23.46 0.67
C THR A 129 -9.33 23.25 -0.73
N ILE A 130 -8.45 22.85 -1.64
CA ILE A 130 -8.75 22.69 -3.03
C ILE A 130 -9.54 21.40 -3.15
N SER A 131 -10.55 21.46 -3.95
CA SER A 131 -11.43 20.33 -4.20
C SER A 131 -10.98 19.50 -5.37
N THR A 132 -10.62 20.12 -6.47
CA THR A 132 -10.34 19.39 -7.71
C THR A 132 -9.76 20.34 -8.72
N LEU A 133 -9.33 19.80 -9.85
CA LEU A 133 -8.82 20.60 -10.94
C LEU A 133 -8.95 19.84 -12.24
N HIS A 134 -8.87 20.59 -13.34
CA HIS A 134 -9.04 19.95 -14.65
C HIS A 134 -8.16 20.68 -15.66
N TRP A 135 -7.49 19.94 -16.48
CA TRP A 135 -6.75 20.53 -17.60
C TRP A 135 -7.70 20.76 -18.74
N SER A 136 -7.71 21.99 -19.29
CA SER A 136 -8.64 22.28 -20.42
C SER A 136 -8.36 21.36 -21.63
N PRO A 137 -9.38 20.72 -22.21
CA PRO A 137 -9.26 19.97 -23.46
C PRO A 137 -8.94 20.87 -24.65
N ARG A 138 -9.15 22.21 -24.54
CA ARG A 138 -9.06 23.15 -25.67
C ARG A 138 -7.91 24.10 -25.63
N VAL A 139 -7.54 24.55 -24.44
CA VAL A 139 -6.43 25.52 -24.25
C VAL A 139 -5.23 24.84 -23.66
N LYS A 140 -4.08 24.94 -24.35
CA LYS A 140 -2.97 24.04 -24.07
C LYS A 140 -2.32 24.16 -22.71
N ASP A 141 -2.35 25.35 -22.14
CA ASP A 141 -1.73 25.57 -20.85
C ASP A 141 -2.70 25.99 -19.72
N LEU A 142 -3.99 25.78 -19.93
CA LEU A 142 -5.02 26.24 -18.96
C LEU A 142 -5.43 25.08 -18.02
N ILE A 143 -5.28 25.30 -16.72
CA ILE A 143 -5.70 24.41 -15.69
C ILE A 143 -6.71 25.21 -14.81
N VAL A 144 -7.88 24.65 -14.61
CA VAL A 144 -8.90 25.26 -13.82
C VAL A 144 -9.08 24.43 -12.54
N SER A 145 -8.93 25.08 -11.39
CA SER A 145 -9.05 24.51 -10.08
C SER A 145 -10.18 25.18 -9.27
N GLY A 146 -10.75 24.43 -8.34
CA GLY A 146 -11.83 24.94 -7.49
C GLY A 146 -11.73 24.51 -6.09
N ASP A 147 -12.17 25.36 -5.12
CA ASP A 147 -11.95 25.02 -3.71
C ASP A 147 -13.22 24.93 -2.87
N GLU A 148 -13.03 24.58 -1.59
CA GLU A 148 -14.14 24.32 -0.65
CA GLU A 148 -14.18 24.31 -0.72
C GLU A 148 -15.01 25.54 -0.33
N LYS A 149 -14.48 26.74 -0.60
CA LYS A 149 -15.29 28.02 -0.39
C LYS A 149 -15.85 28.50 -1.67
N GLY A 150 -15.64 27.77 -2.76
CA GLY A 150 -16.20 28.18 -4.04
C GLY A 150 -15.34 28.97 -4.97
N VAL A 151 -14.12 29.23 -4.54
CA VAL A 151 -13.23 29.99 -5.40
C VAL A 151 -12.66 29.11 -6.50
N VAL A 152 -12.63 29.69 -7.69
CA VAL A 152 -12.09 29.06 -8.84
C VAL A 152 -10.85 29.85 -9.33
N PHE A 153 -9.78 29.17 -9.68
CA PHE A 153 -8.68 29.79 -10.39
C PHE A 153 -8.51 29.19 -11.78
N CYS A 154 -8.36 30.10 -12.75
CA CYS A 154 -7.93 29.78 -14.08
C CYS A 154 -6.44 30.07 -14.12
N TYR A 155 -5.64 29.08 -14.49
CA TYR A 155 -4.15 29.24 -14.50
C TYR A 155 -3.64 28.87 -15.87
N TRP A 156 -3.08 29.83 -16.58
CA TRP A 156 -2.47 29.61 -17.89
C TRP A 156 -1.01 29.55 -17.57
N PHE A 157 -0.51 28.33 -17.36
CA PHE A 157 0.73 28.09 -16.62
C PHE A 157 1.92 28.58 -17.46
N ASN A 158 1.76 28.58 -18.78
CA ASN A 158 2.90 28.77 -19.69
C ASN A 158 2.96 30.20 -20.18
N ARG A 159 2.15 31.06 -19.62
CA ARG A 159 2.27 32.49 -19.84
C ARG A 159 2.25 33.25 -18.53
N ASN A 160 2.43 32.59 -17.39
CA ASN A 160 2.33 33.30 -16.11
C ASN A 160 1.10 34.18 -15.90
N ASP A 161 -0.11 33.69 -16.20
CA ASP A 161 -1.32 34.44 -15.95
CA ASP A 161 -1.30 34.44 -15.90
C ASP A 161 -2.32 33.56 -15.15
N SER A 162 -3.19 34.24 -14.43
CA SER A 162 -4.24 33.57 -13.65
C SER A 162 -5.39 34.50 -13.46
N GLN A 163 -6.55 33.92 -13.21
CA GLN A 163 -7.73 34.69 -12.92
C GLN A 163 -8.55 33.95 -11.88
N HIS A 164 -8.96 34.66 -10.83
CA HIS A 164 -9.87 34.05 -9.85
C HIS A 164 -11.26 34.36 -10.32
N LEU A 165 -12.14 33.44 -10.08
CA LEU A 165 -13.59 33.54 -10.34
C LEU A 165 -14.31 33.05 -9.09
N PHE A 166 -15.54 33.52 -8.91
CA PHE A 166 -16.35 33.17 -7.72
C PHE A 166 -17.75 33.21 -8.13
N ILE A 167 -18.42 32.04 -8.07
CA ILE A 167 -19.66 31.90 -8.67
C ILE A 167 -20.66 31.85 -7.55
N GLU A 168 -20.67 30.79 -6.76
CA GLU A 168 -21.56 30.72 -5.64
C GLU A 168 -20.84 30.31 -4.37
N PRO A 169 -21.32 30.79 -3.20
CA PRO A 169 -20.68 30.53 -1.94
C PRO A 169 -21.02 29.14 -1.45
N ARG A 170 -20.48 28.13 -2.10
CA ARG A 170 -20.80 26.72 -1.80
C ARG A 170 -19.54 25.92 -2.10
N THR A 171 -19.40 24.75 -1.49
CA THR A 171 -18.23 23.90 -1.64
C THR A 171 -18.28 23.20 -3.02
N ILE A 172 -17.20 23.35 -3.78
CA ILE A 172 -17.12 22.78 -5.10
C ILE A 172 -16.75 21.31 -4.83
N PHE A 173 -17.42 20.40 -5.53
CA PHE A 173 -17.08 19.00 -5.54
C PHE A 173 -16.43 18.61 -6.79
N CYS A 174 -16.90 19.11 -7.94
CA CYS A 174 -16.37 18.66 -9.22
C CYS A 174 -16.40 19.76 -10.22
N LEU A 175 -15.55 19.64 -11.21
CA LEU A 175 -15.46 20.66 -12.30
CA LEU A 175 -15.57 20.61 -12.35
C LEU A 175 -14.93 19.96 -13.57
N THR A 176 -15.50 20.28 -14.71
CA THR A 176 -15.16 19.70 -16.00
C THR A 176 -15.26 20.82 -17.08
N CYS A 177 -14.13 21.16 -17.67
CA CYS A 177 -14.06 22.09 -18.81
C CYS A 177 -14.68 21.37 -20.02
N SER A 178 -15.50 22.09 -20.77
CA SER A 178 -16.02 21.62 -22.01
C SER A 178 -14.94 21.10 -22.97
N PRO A 179 -15.22 19.95 -23.60
CA PRO A 179 -14.33 19.49 -24.70
C PRO A 179 -14.48 20.33 -25.98
N HIS A 180 -15.52 21.13 -26.09
CA HIS A 180 -15.85 21.78 -27.36
C HIS A 180 -15.63 23.29 -27.36
N HIS A 181 -15.93 23.92 -26.24
CA HIS A 181 -15.93 25.38 -26.14
CA HIS A 181 -15.88 25.41 -26.14
C HIS A 181 -14.88 25.76 -25.09
N GLU A 182 -13.85 26.44 -25.49
CA GLU A 182 -12.76 26.78 -24.60
C GLU A 182 -13.10 27.66 -23.40
N ASP A 183 -14.17 28.43 -23.45
CA ASP A 183 -14.54 29.28 -22.34
C ASP A 183 -15.53 28.68 -21.36
N LEU A 184 -16.09 27.50 -21.66
CA LEU A 184 -17.21 26.96 -20.87
C LEU A 184 -16.69 25.87 -19.87
N VAL A 185 -17.13 26.01 -18.61
CA VAL A 185 -16.71 25.06 -17.57
C VAL A 185 -17.98 24.71 -16.78
N ALA A 186 -18.17 23.45 -16.45
CA ALA A 186 -19.28 23.01 -15.63
C ALA A 186 -18.72 22.77 -14.27
N ILE A 187 -19.45 23.20 -13.26
CA ILE A 187 -19.04 23.07 -11.86
C ILE A 187 -20.19 22.45 -11.08
N GLY A 188 -19.86 21.49 -10.24
CA GLY A 188 -20.87 20.84 -9.36
C GLY A 188 -20.54 21.01 -7.92
N TYR A 189 -21.57 21.31 -7.13
CA TYR A 189 -21.41 21.61 -5.75
C TYR A 189 -21.96 20.54 -4.77
N LYS A 190 -21.56 20.71 -3.54
CA LYS A 190 -21.92 19.84 -2.42
C LYS A 190 -23.43 19.71 -2.23
N ASP A 191 -24.19 20.72 -2.58
CA ASP A 191 -25.61 20.78 -2.36
C ASP A 191 -26.43 20.32 -3.53
N GLY A 192 -25.78 19.94 -4.63
CA GLY A 192 -26.46 19.50 -5.77
C GLY A 192 -26.59 20.54 -6.86
N ILE A 193 -26.15 21.81 -6.62
CA ILE A 193 -26.13 22.80 -7.68
C ILE A 193 -25.14 22.44 -8.82
N VAL A 194 -25.58 22.58 -10.06
CA VAL A 194 -24.69 22.50 -11.23
C VAL A 194 -24.84 23.76 -12.06
N VAL A 195 -23.73 24.34 -12.47
CA VAL A 195 -23.70 25.54 -13.30
C VAL A 195 -22.70 25.35 -14.45
N ILE A 196 -23.02 25.97 -15.59
CA ILE A 196 -22.08 26.16 -16.69
C ILE A 196 -21.72 27.61 -16.69
N ILE A 197 -20.43 27.90 -16.60
CA ILE A 197 -19.99 29.27 -16.52
C ILE A 197 -19.11 29.57 -17.72
N ASP A 198 -19.00 30.85 -18.05
CA ASP A 198 -18.16 31.34 -19.11
C ASP A 198 -16.96 32.11 -18.49
N ILE A 199 -15.79 31.49 -18.57
CA ILE A 199 -14.65 32.00 -17.91
C ILE A 199 -14.12 33.26 -18.56
N SER A 200 -14.58 33.56 -19.77
CA SER A 200 -14.20 34.79 -20.48
C SER A 200 -15.08 35.99 -20.09
N LYS A 201 -16.15 35.75 -19.33
CA LYS A 201 -17.08 36.79 -18.85
C LYS A 201 -17.16 36.74 -17.33
N LYS A 202 -16.00 36.72 -16.68
CA LYS A 202 -15.86 36.75 -15.22
C LYS A 202 -16.63 35.58 -14.52
N GLY A 203 -16.83 34.46 -15.25
CA GLY A 203 -17.51 33.26 -14.75
C GLY A 203 -19.02 33.34 -14.73
N GLU A 204 -19.56 34.28 -15.50
CA GLU A 204 -20.97 34.42 -15.60
C GLU A 204 -21.65 33.03 -15.77
N VAL A 205 -22.74 32.79 -15.03
CA VAL A 205 -23.48 31.55 -15.15
C VAL A 205 -24.31 31.60 -16.42
N ILE A 206 -24.05 30.72 -17.36
CA ILE A 206 -24.76 30.61 -18.62
C ILE A 206 -25.94 29.68 -18.51
N HIS A 207 -25.80 28.63 -17.71
CA HIS A 207 -26.92 27.73 -17.48
C HIS A 207 -26.81 27.29 -16.06
N ARG A 208 -27.92 27.35 -15.36
CA ARG A 208 -28.02 26.77 -14.06
C ARG A 208 -28.87 25.54 -14.13
N LEU A 209 -28.31 24.41 -13.75
CA LEU A 209 -28.91 23.11 -13.99
C LEU A 209 -29.48 22.65 -12.66
N ARG A 210 -30.81 22.75 -12.54
CA ARG A 210 -31.51 22.60 -11.28
C ARG A 210 -32.16 21.23 -11.29
N GLY A 211 -31.90 20.42 -10.27
CA GLY A 211 -32.42 19.07 -10.32
C GLY A 211 -31.89 18.20 -9.25
N HIS A 212 -30.59 18.18 -9.06
CA HIS A 212 -30.08 17.27 -8.06
C HIS A 212 -30.28 17.81 -6.63
N ASP A 213 -30.40 16.94 -5.63
CA ASP A 213 -30.56 17.43 -4.26
C ASP A 213 -29.54 16.94 -3.29
N ASP A 214 -28.41 16.48 -3.83
CA ASP A 214 -27.26 16.17 -3.02
C ASP A 214 -25.95 16.27 -3.88
N GLU A 215 -24.83 15.94 -3.26
CA GLU A 215 -23.50 16.17 -3.79
C GLU A 215 -23.40 15.76 -5.26
N ILE A 216 -22.79 16.61 -6.06
CA ILE A 216 -22.42 16.22 -7.44
C ILE A 216 -21.04 15.40 -7.47
N SER A 218 -19.70 13.91 -10.31
CA SER A 218 -19.05 13.85 -11.64
CA SER A 218 -19.09 13.81 -11.65
C SER A 218 -19.87 14.58 -12.68
N ILE A 219 -19.17 15.21 -13.60
CA ILE A 219 -19.80 15.87 -14.74
C ILE A 219 -19.04 15.47 -16.00
N ALA A 220 -19.76 14.92 -16.97
CA ALA A 220 -19.22 14.47 -18.24
C ALA A 220 -20.00 15.13 -19.40
N TRP A 221 -19.31 15.84 -20.30
CA TRP A 221 -19.94 16.45 -21.41
C TRP A 221 -20.12 15.41 -22.57
N CYS A 222 -21.23 15.52 -23.33
CA CYS A 222 -21.46 14.61 -24.50
C CYS A 222 -20.29 14.90 -25.42
N PRO A 223 -19.64 13.85 -25.87
CA PRO A 223 -18.34 14.02 -26.56
C PRO A 223 -18.47 14.52 -28.04
N LEU A 224 -19.67 14.64 -28.56
CA LEU A 224 -19.95 15.28 -29.87
C LEU A 224 -20.57 16.66 -29.67
N PRO A 225 -20.29 17.66 -30.57
CA PRO A 225 -20.58 19.08 -30.25
C PRO A 225 -22.04 19.62 -30.15
N CYS A 258 -25.09 21.73 -26.61
CA CYS A 258 -24.45 20.60 -25.94
C CYS A 258 -25.39 19.74 -25.10
N TYR A 259 -24.83 18.62 -24.65
CA TYR A 259 -25.39 17.85 -23.58
C TYR A 259 -24.28 17.66 -22.47
N LEU A 260 -24.70 17.57 -21.23
CA LEU A 260 -23.86 17.35 -20.05
C LEU A 260 -24.57 16.21 -19.32
N ALA A 261 -23.83 15.25 -18.76
CA ALA A 261 -24.36 14.31 -17.76
C ALA A 261 -23.73 14.55 -16.42
N THR A 262 -24.55 14.43 -15.36
CA THR A 262 -24.13 14.70 -14.00
C THR A 262 -24.48 13.48 -13.12
N GLY A 263 -23.55 13.07 -12.25
CA GLY A 263 -23.78 11.98 -11.33
C GLY A 263 -23.76 12.53 -9.89
N SER A 264 -24.69 12.03 -9.05
CA SER A 264 -24.88 12.56 -7.72
C SER A 264 -25.07 11.51 -6.67
N LYS A 265 -24.71 11.90 -5.43
CA LYS A 265 -25.00 11.17 -4.22
C LYS A 265 -26.51 10.90 -4.05
N ASP A 266 -27.34 11.66 -4.74
CA ASP A 266 -28.81 11.45 -4.80
C ASP A 266 -29.26 10.26 -5.63
N GLN A 267 -28.31 9.54 -6.23
CA GLN A 267 -28.51 8.22 -6.82
C GLN A 267 -29.12 8.34 -8.18
N THR A 268 -29.01 9.52 -8.73
CA THR A 268 -29.44 9.78 -10.07
C THR A 268 -28.26 10.26 -10.96
N ILE A 269 -28.36 9.86 -12.22
CA ILE A 269 -27.66 10.48 -13.32
C ILE A 269 -28.63 11.34 -14.12
N ARG A 270 -28.30 12.61 -14.35
CA ARG A 270 -29.17 13.50 -15.07
C ARG A 270 -28.45 13.96 -16.32
N ILE A 271 -29.17 13.93 -17.43
CA ILE A 271 -28.64 14.34 -18.77
C ILE A 271 -29.39 15.59 -19.14
N TRP A 272 -28.65 16.63 -19.41
CA TRP A 272 -29.13 17.96 -19.59
C TRP A 272 -28.79 18.47 -20.97
N SER A 273 -29.61 19.45 -21.39
CA SER A 273 -29.44 20.22 -22.62
C SER A 273 -28.93 21.65 -22.35
N CYS A 274 -27.93 22.09 -23.12
CA CYS A 274 -27.68 23.53 -23.32
C CYS A 274 -28.72 24.05 -24.33
N ARG A 278 -31.72 22.77 -19.25
CA ARG A 278 -32.97 22.00 -19.06
C ARG A 278 -32.70 20.46 -19.06
N GLY A 279 -33.34 19.73 -18.14
CA GLY A 279 -33.14 18.28 -17.97
C GLY A 279 -33.83 17.48 -19.07
N VAL A 280 -33.16 16.47 -19.58
CA VAL A 280 -33.72 15.69 -20.69
C VAL A 280 -33.82 14.22 -20.34
N MET A 281 -33.36 13.80 -19.16
CA MET A 281 -33.31 12.40 -18.86
C MET A 281 -32.83 12.26 -17.43
N ILE A 282 -33.60 11.58 -16.58
CA ILE A 282 -33.21 11.29 -15.23
C ILE A 282 -33.10 9.79 -15.16
N LEU A 283 -31.92 9.27 -14.85
CA LEU A 283 -31.70 7.83 -14.65
C LEU A 283 -31.46 7.50 -13.17
N LYS A 284 -32.38 6.77 -12.51
CA LYS A 284 -32.11 6.38 -11.16
C LYS A 284 -31.23 5.16 -11.25
N LEU A 285 -30.26 5.07 -10.38
CA LEU A 285 -29.47 3.82 -10.23
C LEU A 285 -30.38 2.65 -9.84
N PRO A 286 -30.06 1.47 -10.35
CA PRO A 286 -30.79 0.25 -9.98
C PRO A 286 -30.25 -0.32 -8.69
N PHE A 287 -31.10 -1.13 -8.02
CA PHE A 287 -30.71 -1.86 -6.82
C PHE A 287 -30.52 -3.28 -7.27
N LEU A 288 -29.31 -3.78 -7.10
CA LEU A 288 -28.88 -5.09 -7.59
C LEU A 288 -28.45 -5.85 -6.36
N LYS A 289 -28.46 -7.19 -6.39
CA LYS A 289 -27.93 -8.02 -5.28
C LYS A 289 -26.44 -7.75 -5.11
N ARG A 290 -25.96 -7.75 -3.87
CA ARG A 290 -24.52 -7.59 -3.57
C ARG A 290 -23.75 -8.87 -4.02
N ARG A 291 -22.54 -8.74 -4.59
CA ARG A 291 -21.76 -9.89 -5.02
C ARG A 291 -20.29 -9.59 -5.21
N GLU A 301 -20.77 2.32 3.44
CA GLU A 301 -20.56 3.65 2.88
C GLU A 301 -21.80 4.09 2.13
N ARG A 302 -21.88 5.36 1.79
CA ARG A 302 -22.90 5.88 0.91
C ARG A 302 -22.32 5.78 -0.52
N LEU A 303 -23.16 6.03 -1.46
CA LEU A 303 -22.84 5.98 -2.82
C LEU A 303 -21.78 7.05 -3.23
N TRP A 304 -20.89 6.69 -4.15
CA TRP A 304 -20.20 7.70 -4.98
C TRP A 304 -20.60 7.36 -6.44
N LEU A 305 -21.11 8.34 -7.16
CA LEU A 305 -21.61 8.12 -8.52
C LEU A 305 -20.77 8.87 -9.51
N THR A 306 -19.81 8.19 -10.11
CA THR A 306 -18.96 8.82 -11.16
C THR A 306 -19.30 8.31 -12.53
N LEU A 307 -18.78 8.99 -13.56
CA LEU A 307 -19.26 8.83 -14.96
C LEU A 307 -18.07 8.81 -15.91
N HIS A 308 -18.24 8.12 -17.02
CA HIS A 308 -17.33 8.21 -18.16
C HIS A 308 -18.22 8.13 -19.37
N TRP A 309 -18.16 9.14 -20.20
CA TRP A 309 -18.95 9.22 -21.38
C TRP A 309 -18.00 8.94 -22.58
N PRO A 310 -17.99 7.71 -23.11
CA PRO A 310 -16.93 7.37 -24.10
C PRO A 310 -17.03 8.21 -25.39
N SER A 311 -15.94 8.83 -25.80
CA SER A 311 -15.95 9.71 -26.96
C SER A 311 -16.22 8.99 -28.28
N ASN A 312 -15.89 7.72 -28.36
CA ASN A 312 -16.18 6.95 -29.56
C ASN A 312 -17.50 6.13 -29.52
N GLN A 313 -18.29 6.28 -28.46
CA GLN A 313 -19.57 5.59 -28.34
C GLN A 313 -20.52 6.46 -27.58
N PRO A 314 -20.92 7.59 -28.16
CA PRO A 314 -21.73 8.58 -27.49
C PRO A 314 -23.16 8.16 -27.10
N THR A 315 -23.66 7.04 -27.59
CA THR A 315 -24.94 6.51 -27.11
C THR A 315 -24.79 5.61 -25.86
N GLN A 316 -23.56 5.44 -25.35
CA GLN A 316 -23.28 4.67 -24.16
C GLN A 316 -22.77 5.67 -23.08
N LEU A 317 -23.09 5.36 -21.81
CA LEU A 317 -22.58 6.15 -20.69
C LEU A 317 -22.24 5.20 -19.63
N VAL A 318 -20.98 5.24 -19.14
CA VAL A 318 -20.58 4.32 -18.07
C VAL A 318 -20.71 5.03 -16.71
N SER A 319 -21.29 4.36 -15.72
CA SER A 319 -21.39 4.89 -14.36
C SER A 319 -20.91 3.90 -13.34
N SER A 320 -20.49 4.40 -12.18
CA SER A 320 -20.43 3.58 -10.99
C SER A 320 -21.86 3.41 -10.41
N CYS A 321 -21.94 2.59 -9.35
CA CYS A 321 -23.23 2.26 -8.75
C CYS A 321 -23.00 1.87 -7.31
N PHE A 322 -24.12 1.56 -6.61
CA PHE A 322 -23.99 1.07 -5.22
C PHE A 322 -23.01 -0.11 -5.19
N GLY A 323 -22.22 -0.17 -4.14
CA GLY A 323 -21.27 -1.26 -3.92
C GLY A 323 -20.10 -1.31 -4.92
N GLY A 324 -19.97 -0.33 -5.83
CA GLY A 324 -18.80 -0.32 -6.75
C GLY A 324 -19.03 -1.10 -8.02
N GLU A 325 -20.27 -1.57 -8.22
CA GLU A 325 -20.64 -2.18 -9.54
C GLU A 325 -20.52 -1.12 -10.63
N LEU A 326 -20.12 -1.52 -11.85
CA LEU A 326 -20.08 -0.59 -12.99
C LEU A 326 -21.16 -0.94 -13.97
N LEU A 327 -21.79 0.09 -14.54
CA LEU A 327 -22.84 -0.04 -15.49
C LEU A 327 -22.48 0.61 -16.80
N GLN A 328 -22.90 -0.02 -17.91
CA GLN A 328 -22.92 0.61 -19.20
C GLN A 328 -24.35 0.86 -19.56
N TRP A 329 -24.73 2.11 -19.58
CA TRP A 329 -26.04 2.55 -19.90
C TRP A 329 -26.17 2.74 -21.42
N ASP A 330 -27.37 2.41 -21.92
CA ASP A 330 -27.74 2.59 -23.29
C ASP A 330 -28.68 3.77 -23.38
N LEU A 331 -28.14 4.83 -23.90
CA LEU A 331 -28.84 6.07 -23.98
C LEU A 331 -29.84 6.05 -25.12
N THR A 332 -29.73 5.09 -26.06
CA THR A 332 -30.78 4.98 -27.10
C THR A 332 -32.10 4.54 -26.48
N GLN A 333 -32.03 3.54 -25.58
CA GLN A 333 -33.18 3.01 -24.84
C GLN A 333 -33.45 3.89 -23.59
N SER A 334 -33.63 5.21 -23.84
CA SER A 334 -33.70 6.28 -22.81
C SER A 334 -34.62 5.88 -21.68
N TRP A 335 -35.90 5.70 -22.06
CA TRP A 335 -37.04 5.50 -21.13
C TRP A 335 -36.79 4.30 -20.26
N ARG A 336 -36.56 3.15 -20.90
CA ARG A 336 -36.46 1.86 -20.19
C ARG A 336 -35.29 1.69 -19.21
N ARG A 337 -34.47 2.73 -18.98
CA ARG A 337 -33.37 2.60 -18.01
C ARG A 337 -32.59 1.30 -18.29
N LYS A 338 -32.13 1.19 -19.53
CA LYS A 338 -31.41 -0.01 -19.93
C LYS A 338 -29.94 0.18 -19.58
N TYR A 339 -29.37 -0.82 -18.96
CA TYR A 339 -27.94 -0.85 -18.67
C TYR A 339 -27.49 -2.28 -18.74
N THR A 340 -26.18 -2.44 -18.85
CA THR A 340 -25.51 -3.74 -18.81
C THR A 340 -24.52 -3.66 -17.69
N LEU A 341 -24.49 -4.71 -16.87
CA LEU A 341 -23.60 -4.77 -15.73
C LEU A 341 -22.25 -5.25 -16.16
N PHE A 342 -21.20 -4.59 -15.67
CA PHE A 342 -19.83 -5.04 -15.95
C PHE A 342 -19.59 -6.33 -15.15
N SER A 343 -18.82 -7.23 -15.73
CA SER A 343 -18.35 -8.44 -15.06
C SER A 343 -19.52 -9.37 -14.72
N ALA A 344 -20.59 -9.31 -15.47
CA ALA A 344 -21.83 -9.94 -15.03
C ALA A 344 -21.75 -11.46 -15.05
N SER A 345 -20.82 -12.03 -15.84
CA SER A 345 -20.60 -13.48 -15.96
C SER A 345 -19.58 -13.97 -14.95
N SER A 346 -18.38 -13.41 -14.98
CA SER A 346 -17.33 -13.82 -14.06
C SER A 346 -17.74 -13.45 -12.63
N GLU A 347 -17.45 -14.35 -11.70
CA GLU A 347 -17.80 -14.18 -10.29
C GLU A 347 -16.61 -13.51 -9.55
N GLY A 348 -16.92 -12.60 -8.65
CA GLY A 348 -15.94 -11.99 -7.76
C GLY A 348 -14.84 -11.15 -8.42
N GLN A 349 -15.09 -10.63 -9.63
CA GLN A 349 -14.17 -9.66 -10.23
C GLN A 349 -14.63 -8.20 -10.10
N ASN A 350 -15.87 -8.01 -9.76
CA ASN A 350 -16.37 -6.67 -9.47
C ASN A 350 -15.73 -6.06 -8.24
N HIS A 351 -15.66 -4.71 -8.19
CA HIS A 351 -15.33 -4.04 -6.97
C HIS A 351 -16.34 -4.39 -5.90
N SER A 352 -15.90 -4.31 -4.63
CA SER A 352 -16.75 -4.67 -3.48
C SER A 352 -17.16 -3.44 -2.71
N ARG A 353 -16.61 -2.28 -3.05
CA ARG A 353 -17.04 -1.03 -2.42
C ARG A 353 -17.04 0.04 -3.50
N ILE A 354 -17.60 1.18 -3.16
CA ILE A 354 -17.75 2.26 -4.09
C ILE A 354 -16.47 2.62 -4.94
N VAL A 355 -16.75 2.97 -6.19
CA VAL A 355 -15.79 3.40 -7.19
C VAL A 355 -15.82 4.92 -7.20
N PHE A 356 -14.64 5.50 -7.16
CA PHE A 356 -14.52 6.93 -7.24
C PHE A 356 -14.24 7.57 -8.57
N ASN A 357 -13.31 6.96 -9.31
CA ASN A 357 -12.91 7.51 -10.60
C ASN A 357 -12.88 6.38 -11.66
N LEU A 358 -13.13 6.78 -12.90
CA LEU A 358 -13.09 5.98 -14.14
C LEU A 358 -12.31 6.73 -15.23
N CYS A 359 -11.25 6.12 -15.74
CA CYS A 359 -10.33 6.77 -16.66
C CYS A 359 -10.20 5.88 -17.90
N PRO A 360 -10.60 6.39 -19.05
CA PRO A 360 -10.38 5.64 -20.32
C PRO A 360 -8.93 5.71 -20.79
N LEU A 361 -8.47 4.60 -21.34
CA LEU A 361 -7.11 4.46 -21.83
C LEU A 361 -7.20 3.61 -23.13
N GLN A 362 -6.90 4.26 -24.23
CA GLN A 362 -6.82 3.55 -25.50
C GLN A 362 -5.40 3.12 -25.75
N THR A 363 -5.10 1.81 -25.77
CA THR A 363 -3.68 1.40 -25.82
C THR A 363 -3.17 1.63 -27.30
N GLU A 364 -1.87 1.63 -27.50
CA GLU A 364 -1.31 1.74 -28.87
C GLU A 364 -1.68 0.56 -29.79
N ASP A 365 -1.97 -0.62 -29.28
CA ASP A 365 -2.61 -1.68 -30.10
C ASP A 365 -4.16 -1.58 -30.12
N ASP A 366 -4.67 -0.37 -29.88
CA ASP A 366 -6.09 0.00 -29.98
C ASP A 366 -7.14 -0.77 -29.14
N LYS A 367 -6.72 -1.45 -28.07
CA LYS A 367 -7.68 -1.99 -27.08
C LYS A 367 -8.28 -0.77 -26.31
N GLN A 368 -9.62 -0.74 -26.16
CA GLN A 368 -10.30 0.24 -25.35
C GLN A 368 -10.37 -0.30 -23.91
N LEU A 369 -9.71 0.40 -22.97
CA LEU A 369 -9.65 0.01 -21.59
C LEU A 369 -10.29 1.10 -20.71
N LEU A 370 -10.65 0.72 -19.49
CA LEU A 370 -11.22 1.68 -18.52
C LEU A 370 -10.67 1.34 -17.15
N LEU A 371 -10.00 2.33 -16.54
CA LEU A 371 -9.43 2.11 -15.22
C LEU A 371 -10.40 2.63 -14.15
N SER A 372 -10.59 1.83 -13.09
CA SER A 372 -11.41 2.18 -11.95
C SER A 372 -10.63 2.24 -10.66
N THR A 373 -10.92 3.26 -9.83
CA THR A 373 -10.36 3.32 -8.47
C THR A 373 -11.55 3.17 -7.49
N SER A 374 -11.23 2.69 -6.30
CA SER A 374 -12.27 2.26 -5.37
C SER A 374 -11.82 2.32 -3.92
N MET A 375 -12.83 2.53 -3.09
CA MET A 375 -12.63 2.36 -1.67
C MET A 375 -12.18 0.95 -1.28
N ASP A 376 -12.35 -0.07 -2.13
CA ASP A 376 -11.82 -1.40 -1.77
C ASP A 376 -10.37 -1.57 -1.93
N ARG A 377 -9.65 -0.50 -2.36
CA ARG A 377 -8.19 -0.48 -2.48
C ARG A 377 -7.61 -1.22 -3.67
N ASP A 378 -8.46 -1.72 -4.56
CA ASP A 378 -8.06 -2.25 -5.83
C ASP A 378 -8.19 -1.19 -6.92
N VAL A 379 -7.22 -1.17 -7.81
CA VAL A 379 -7.34 -0.52 -9.11
C VAL A 379 -7.66 -1.61 -10.09
N LYS A 380 -8.74 -1.48 -10.82
CA LYS A 380 -9.09 -2.45 -11.83
C LYS A 380 -9.04 -1.90 -13.22
N CYS A 381 -8.62 -2.75 -14.17
CA CYS A 381 -8.60 -2.38 -15.61
C CYS A 381 -9.64 -3.24 -16.34
N TRP A 382 -10.59 -2.57 -16.98
CA TRP A 382 -11.74 -3.15 -17.65
C TRP A 382 -11.55 -3.10 -19.17
N ASP A 383 -11.82 -4.23 -19.79
CA ASP A 383 -11.81 -4.34 -21.24
C ASP A 383 -13.16 -3.97 -21.71
N ILE A 384 -13.25 -2.85 -22.38
CA ILE A 384 -14.54 -2.29 -22.80
C ILE A 384 -15.24 -3.21 -23.80
N ALA A 385 -14.48 -3.94 -24.63
CA ALA A 385 -15.13 -4.85 -25.61
C ALA A 385 -15.96 -5.94 -24.94
N THR A 386 -15.49 -6.45 -23.81
CA THR A 386 -16.16 -7.53 -23.13
C THR A 386 -16.81 -7.15 -21.79
N LEU A 387 -16.47 -5.95 -21.27
CA LEU A 387 -16.84 -5.52 -19.94
C LEU A 387 -16.39 -6.48 -18.84
N GLU A 388 -15.27 -7.21 -19.06
CA GLU A 388 -14.69 -8.07 -18.02
C GLU A 388 -13.49 -7.38 -17.47
N CYS A 389 -13.06 -7.76 -16.27
CA CYS A 389 -11.87 -7.20 -15.65
C CYS A 389 -10.58 -7.84 -16.22
N SER A 390 -9.74 -7.06 -16.89
CA SER A 390 -8.48 -7.59 -17.41
C SER A 390 -7.49 -7.88 -16.35
N TRP A 391 -7.40 -6.97 -15.37
CA TRP A 391 -6.45 -7.10 -14.32
C TRP A 391 -6.80 -6.17 -13.16
N THR A 392 -6.18 -6.51 -12.02
CA THR A 392 -6.35 -5.84 -10.74
C THR A 392 -5.02 -5.51 -10.16
N LEU A 393 -4.78 -4.25 -9.76
CA LEU A 393 -3.63 -3.83 -9.02
C LEU A 393 -4.07 -3.50 -7.57
N PRO A 394 -3.69 -4.33 -6.58
CA PRO A 394 -4.04 -4.04 -5.18
C PRO A 394 -3.17 -2.97 -4.59
N SER A 395 -3.62 -2.41 -3.46
CA SER A 395 -2.89 -1.34 -2.88
C SER A 395 -3.03 -1.41 -1.37
N LEU A 396 -2.29 -0.57 -0.69
CA LEU A 396 -2.16 -0.60 0.78
C LEU A 396 -2.57 0.73 1.37
N GLY A 397 -3.37 0.64 2.41
CA GLY A 397 -3.88 1.82 3.09
C GLY A 397 -3.21 2.18 4.43
N GLY A 398 -2.05 1.54 4.74
CA GLY A 398 -1.31 1.83 5.91
C GLY A 398 0.11 1.40 5.80
N PHE A 399 0.86 1.53 6.91
CA PHE A 399 2.25 1.19 6.87
C PHE A 399 2.32 -0.33 6.57
N ALA A 400 3.38 -0.75 5.89
CA ALA A 400 3.71 -2.17 5.76
C ALA A 400 4.63 -2.55 6.91
N TYR A 401 4.03 -3.11 7.99
CA TYR A 401 4.71 -3.35 9.22
C TYR A 401 5.49 -4.61 9.19
N SER A 402 4.92 -5.60 8.49
CA SER A 402 5.45 -6.98 8.62
C SER A 402 5.40 -7.74 7.34
N LEU A 403 6.44 -8.56 7.05
CA LEU A 403 6.46 -9.49 5.94
C LEU A 403 6.82 -10.85 6.42
N ALA A 404 6.10 -11.86 5.96
CA ALA A 404 6.48 -13.24 6.28
C ALA A 404 6.21 -14.19 5.12
N PHE A 405 7.23 -14.93 4.72
CA PHE A 405 7.07 -15.95 3.68
C PHE A 405 6.76 -17.27 4.29
N SER A 406 5.82 -17.99 3.70
CA SER A 406 5.52 -19.32 4.12
C SER A 406 6.64 -20.32 3.69
N SER A 407 7.01 -21.19 4.63
CA SER A 407 7.86 -22.35 4.33
C SER A 407 7.12 -23.52 3.75
N VAL A 408 5.78 -23.50 3.80
CA VAL A 408 4.98 -24.60 3.36
C VAL A 408 4.54 -24.40 1.93
N ASP A 409 3.99 -23.21 1.66
CA ASP A 409 3.60 -22.83 0.32
C ASP A 409 4.54 -21.80 -0.14
N ILE A 410 5.49 -22.24 -0.98
CA ILE A 410 6.61 -21.36 -1.31
C ILE A 410 6.06 -20.08 -2.00
N GLY A 411 6.67 -18.98 -1.68
CA GLY A 411 6.25 -17.73 -2.36
C GLY A 411 5.02 -17.06 -1.73
N SER A 412 4.27 -17.74 -0.84
CA SER A 412 3.12 -17.10 -0.17
C SER A 412 3.64 -16.08 0.87
N LEU A 413 3.37 -14.81 0.60
CA LEU A 413 3.89 -13.69 1.38
C LEU A 413 2.78 -13.00 2.14
N ALA A 414 2.79 -13.09 3.48
CA ALA A 414 1.83 -12.39 4.26
C ALA A 414 2.40 -10.98 4.58
N ILE A 415 1.53 -10.00 4.53
CA ILE A 415 1.91 -8.61 4.78
C ILE A 415 0.97 -8.09 5.85
N GLY A 416 1.54 -7.50 6.91
CA GLY A 416 0.77 -6.92 7.98
C GLY A 416 0.72 -5.43 7.74
N VAL A 417 -0.47 -4.86 7.63
CA VAL A 417 -0.65 -3.50 7.16
C VAL A 417 -1.44 -2.69 8.22
N GLY A 418 -1.20 -1.40 8.24
CA GLY A 418 -1.90 -0.53 9.22
C GLY A 418 -3.33 -0.14 8.85
N ASP A 419 -3.88 -0.62 7.73
CA ASP A 419 -5.30 -0.47 7.45
C ASP A 419 -6.14 -1.64 7.99
N GLY A 420 -5.59 -2.48 8.86
CA GLY A 420 -6.34 -3.61 9.41
C GLY A 420 -6.71 -4.85 8.56
N MET A 421 -6.09 -5.02 7.41
CA MET A 421 -6.35 -6.19 6.61
C MET A 421 -4.97 -6.84 6.40
N ILE A 422 -4.92 -8.12 6.66
CA ILE A 422 -3.76 -8.98 6.24
C ILE A 422 -3.81 -9.20 4.74
N ARG A 423 -2.67 -9.09 4.07
CA ARG A 423 -2.62 -9.46 2.66
C ARG A 423 -1.83 -10.77 2.58
N VAL A 424 -2.24 -11.66 1.72
CA VAL A 424 -1.41 -12.83 1.32
C VAL A 424 -1.18 -12.76 -0.17
N TRP A 425 0.02 -12.40 -0.52
CA TRP A 425 0.48 -12.28 -1.88
C TRP A 425 1.09 -13.61 -2.39
N ASN A 426 0.40 -14.22 -3.31
CA ASN A 426 0.93 -15.43 -4.01
C ASN A 426 1.94 -14.91 -5.01
N THR A 427 3.17 -14.70 -4.56
CA THR A 427 4.20 -13.98 -5.33
C THR A 427 4.61 -14.75 -6.59
N LEU A 428 4.40 -16.06 -6.55
CA LEU A 428 4.86 -16.93 -7.68
C LEU A 428 3.77 -17.27 -8.71
N SER A 429 2.60 -16.64 -8.55
CA SER A 429 1.53 -16.72 -9.51
C SER A 429 2.05 -16.48 -10.93
N ILE A 430 1.77 -17.39 -11.82
CA ILE A 430 2.50 -17.34 -13.12
C ILE A 430 2.01 -16.20 -14.01
N LYS A 431 0.71 -16.03 -14.06
CA LYS A 431 0.09 -15.12 -14.97
C LYS A 431 -0.33 -13.82 -14.25
N ASN A 432 -0.03 -13.67 -12.95
CA ASN A 432 -0.39 -12.43 -12.24
C ASN A 432 0.75 -12.00 -11.30
N ASN A 433 1.38 -10.84 -11.55
CA ASN A 433 2.45 -10.32 -10.70
C ASN A 433 1.92 -9.77 -9.37
N TYR A 434 0.61 -9.56 -9.27
CA TYR A 434 0.00 -9.02 -8.08
C TYR A 434 -1.24 -9.79 -7.61
N ASP A 435 -1.06 -11.09 -7.39
CA ASP A 435 -2.13 -11.96 -6.96
C ASP A 435 -2.22 -11.88 -5.38
N VAL A 436 -3.06 -10.99 -4.88
CA VAL A 436 -3.12 -10.69 -3.48
C VAL A 436 -4.54 -10.97 -2.98
N LYS A 437 -4.65 -11.72 -1.87
CA LYS A 437 -5.95 -11.88 -1.16
C LYS A 437 -5.91 -11.18 0.15
N ASN A 438 -7.05 -10.60 0.50
CA ASN A 438 -7.31 -9.91 1.71
C ASN A 438 -8.04 -10.69 2.81
N PHE A 439 -7.59 -10.53 4.05
CA PHE A 439 -8.20 -11.13 5.21
C PHE A 439 -8.46 -10.01 6.21
N TRP A 440 -9.74 -9.79 6.50
CA TRP A 440 -10.17 -8.65 7.36
C TRP A 440 -10.86 -9.13 8.61
N GLN A 441 -11.51 -10.27 8.54
CA GLN A 441 -12.26 -10.78 9.72
C GLN A 441 -11.35 -10.89 10.97
N GLY A 442 -11.87 -10.33 12.07
CA GLY A 442 -11.25 -10.38 13.38
C GLY A 442 -9.95 -9.61 13.50
N VAL A 443 -9.62 -8.73 12.56
CA VAL A 443 -8.30 -8.15 12.54
C VAL A 443 -8.52 -6.78 13.15
N LYS A 444 -9.12 -5.85 12.39
CA LYS A 444 -9.74 -4.58 12.94
C LYS A 444 -8.77 -3.56 13.60
N SER A 445 -7.48 -3.77 13.45
CA SER A 445 -6.51 -2.80 13.91
C SER A 445 -5.22 -3.07 13.15
N LYS A 446 -4.18 -2.30 13.43
CA LYS A 446 -2.94 -2.33 12.64
C LYS A 446 -2.21 -3.65 12.91
N VAL A 447 -1.87 -4.34 11.84
CA VAL A 447 -1.27 -5.66 11.99
C VAL A 447 0.20 -5.47 11.98
N THR A 448 0.78 -5.55 13.19
CA THR A 448 2.17 -5.17 13.42
C THR A 448 3.14 -6.37 13.43
N ALA A 449 2.62 -7.59 13.40
CA ALA A 449 3.47 -8.84 13.44
C ALA A 449 2.71 -9.95 12.77
N LEU A 450 3.44 -10.85 12.11
CA LEU A 450 2.84 -12.00 11.39
C LEU A 450 3.86 -13.10 11.50
N CYS A 451 3.43 -14.36 11.52
CA CYS A 451 4.40 -15.45 11.41
C CYS A 451 3.61 -16.70 11.00
N TRP A 452 3.96 -17.28 9.86
CA TRP A 452 3.34 -18.51 9.40
C TRP A 452 3.85 -19.69 10.32
N HIS A 453 3.02 -20.67 10.53
CA HIS A 453 3.46 -21.90 11.14
C HIS A 453 4.50 -22.55 10.21
N PRO A 454 5.51 -23.22 10.80
CA PRO A 454 6.53 -23.78 9.95
C PRO A 454 6.11 -25.04 9.16
N THR A 455 5.05 -25.77 9.51
CA THR A 455 4.66 -26.91 8.74
C THR A 455 3.19 -27.03 8.39
N LYS A 456 2.29 -26.35 9.08
CA LYS A 456 0.86 -26.49 8.85
CA LYS A 456 0.85 -26.48 8.86
C LYS A 456 0.39 -25.44 7.80
N GLU A 457 -0.06 -25.92 6.65
CA GLU A 457 -0.54 -25.04 5.56
C GLU A 457 -1.68 -24.10 6.05
N GLY A 458 -1.63 -22.87 5.60
CA GLY A 458 -2.70 -21.96 5.91
C GLY A 458 -2.66 -21.38 7.29
N CYS A 459 -1.76 -21.82 8.14
CA CYS A 459 -1.84 -21.39 9.51
C CYS A 459 -1.00 -20.11 9.76
N LEU A 460 -1.65 -18.98 9.89
CA LEU A 460 -0.98 -17.66 9.99
C LEU A 460 -1.27 -16.97 11.37
N ALA A 461 -0.24 -16.79 12.15
CA ALA A 461 -0.41 -16.05 13.40
C ALA A 461 -0.26 -14.56 13.07
N PHE A 462 -1.00 -13.74 13.75
CA PHE A 462 -0.88 -12.31 13.59
C PHE A 462 -1.01 -11.60 14.96
N GLY A 463 -0.47 -10.39 15.04
CA GLY A 463 -0.59 -9.57 16.24
C GLY A 463 -0.85 -8.15 15.82
N THR A 464 -1.43 -7.35 16.74
CA THR A 464 -1.89 -6.02 16.43
C THR A 464 -1.42 -4.97 17.33
N ASP A 465 -1.61 -3.73 16.88
CA ASP A 465 -1.18 -2.57 17.65
C ASP A 465 -1.95 -2.43 18.99
N ASP A 466 -3.11 -3.05 19.15
CA ASP A 466 -3.79 -3.09 20.44
C ASP A 466 -3.56 -4.35 21.24
N GLY A 467 -2.50 -5.09 20.93
CA GLY A 467 -2.09 -6.16 21.83
C GLY A 467 -2.70 -7.47 21.55
N LYS A 468 -3.48 -7.55 20.46
CA LYS A 468 -4.27 -8.75 20.17
C LYS A 468 -3.43 -9.75 19.43
N VAL A 469 -3.59 -11.02 19.74
CA VAL A 469 -2.91 -12.14 19.09
C VAL A 469 -3.96 -13.09 18.51
N GLY A 470 -3.80 -13.48 17.25
CA GLY A 470 -4.77 -14.29 16.56
C GLY A 470 -4.13 -15.28 15.63
N LEU A 471 -4.92 -16.27 15.28
CA LEU A 471 -4.49 -17.33 14.40
C LEU A 471 -5.52 -17.50 13.27
N TYR A 472 -5.09 -17.15 12.05
CA TYR A 472 -5.86 -17.41 10.81
C TYR A 472 -5.61 -18.79 10.17
N ASP A 473 -6.69 -19.36 9.63
CA ASP A 473 -6.60 -20.48 8.67
C ASP A 473 -6.92 -19.85 7.34
N THR A 474 -5.86 -19.52 6.58
CA THR A 474 -6.05 -18.84 5.32
C THR A 474 -6.61 -19.77 4.22
N TYR A 475 -6.68 -21.04 4.47
CA TYR A 475 -7.34 -21.95 3.53
C TYR A 475 -8.85 -22.02 3.76
N SER A 476 -9.38 -21.34 4.77
CA SER A 476 -10.81 -21.38 5.05
C SER A 476 -11.33 -19.98 4.90
N ASN A 477 -12.61 -19.81 5.14
CA ASN A 477 -13.22 -18.48 5.14
C ASN A 477 -13.73 -18.14 6.54
N LYS A 478 -13.27 -18.90 7.53
CA LYS A 478 -13.71 -18.73 8.89
C LYS A 478 -13.00 -17.54 9.53
N PRO A 479 -13.68 -16.85 10.48
CA PRO A 479 -12.92 -15.81 11.18
C PRO A 479 -11.78 -16.46 12.04
N PRO A 480 -10.69 -15.71 12.32
CA PRO A 480 -9.56 -16.28 13.05
C PRO A 480 -9.88 -16.59 14.52
N GLN A 481 -9.12 -17.46 15.16
CA GLN A 481 -9.19 -17.61 16.60
C GLN A 481 -8.36 -16.50 17.20
N ILE A 482 -8.84 -15.97 18.31
CA ILE A 482 -8.27 -14.83 19.00
C ILE A 482 -7.85 -15.28 20.41
N SER A 483 -6.60 -14.99 20.81
CA SER A 483 -6.15 -15.20 22.17
C SER A 483 -6.96 -14.37 23.16
N SER A 484 -7.42 -15.04 24.23
CA SER A 484 -8.09 -14.30 25.33
C SER A 484 -7.20 -13.40 26.10
N THR A 485 -5.90 -13.71 26.17
CA THR A 485 -4.95 -12.84 26.80
C THR A 485 -4.41 -11.89 25.76
N TYR A 486 -4.40 -10.62 26.13
CA TYR A 486 -3.93 -9.54 25.31
C TYR A 486 -2.67 -9.06 25.89
N HIS A 487 -1.83 -8.49 25.03
CA HIS A 487 -0.72 -7.68 25.48
C HIS A 487 -1.23 -6.31 25.83
N LYS A 488 -0.61 -5.68 26.83
CA LYS A 488 -0.84 -4.25 27.13
C LYS A 488 -0.56 -3.30 26.01
N LYS A 489 0.51 -3.53 25.29
CA LYS A 489 0.89 -2.75 24.18
C LYS A 489 0.99 -3.58 22.86
N THR A 490 1.44 -2.90 21.85
CA THR A 490 1.66 -3.48 20.54
C THR A 490 2.37 -4.83 20.54
N VAL A 491 1.83 -5.77 19.76
CA VAL A 491 2.53 -7.00 19.54
C VAL A 491 3.65 -6.73 18.51
N TYR A 492 4.91 -6.82 18.93
CA TYR A 492 6.06 -6.58 18.08
C TYR A 492 6.48 -7.81 17.23
N THR A 493 6.43 -8.99 17.81
CA THR A 493 6.97 -10.17 17.20
C THR A 493 6.15 -11.37 17.58
N LEU A 494 6.00 -12.27 16.62
CA LEU A 494 5.42 -13.57 16.87
C LEU A 494 6.44 -14.63 16.44
N ALA A 495 6.53 -15.72 17.16
CA ALA A 495 7.45 -16.80 16.79
C ALA A 495 6.95 -18.13 17.28
N TRP A 496 7.18 -19.18 16.47
CA TRP A 496 6.81 -20.56 16.85
C TRP A 496 7.98 -21.20 17.43
N GLY A 497 7.72 -22.05 18.38
CA GLY A 497 8.85 -22.84 18.96
C GLY A 497 8.33 -23.94 19.84
N PRO A 498 9.25 -24.71 20.42
CA PRO A 498 8.71 -25.79 21.29
C PRO A 498 8.04 -25.26 22.49
N PRO A 499 7.07 -26.00 23.02
CA PRO A 499 6.48 -25.56 24.29
C PRO A 499 7.49 -25.68 25.44
N VAL A 500 7.27 -24.89 26.46
CA VAL A 500 8.12 -24.92 27.67
C VAL A 500 7.18 -24.94 28.82
N PRO A 501 7.68 -25.38 30.00
CA PRO A 501 6.74 -25.40 31.07
C PRO A 501 6.20 -24.05 31.45
N PRO A 502 4.96 -23.94 31.89
CA PRO A 502 4.06 -25.06 32.25
C PRO A 502 3.18 -25.60 31.12
N MET A 503 3.45 -25.25 29.87
CA MET A 503 2.57 -25.69 28.76
C MET A 503 2.85 -27.17 28.45
N SER A 504 1.84 -27.93 28.05
CA SER A 504 2.10 -29.19 27.25
C SER A 504 1.11 -29.36 26.06
N SER A 513 2.36 -29.86 18.71
CA SER A 513 3.79 -29.91 18.66
C SER A 513 4.53 -28.56 18.93
N LEU A 514 4.08 -27.43 18.37
CA LEU A 514 4.73 -26.12 18.60
C LEU A 514 3.81 -25.16 19.39
N ALA A 515 4.39 -24.33 20.28
CA ALA A 515 3.66 -23.26 20.90
C ALA A 515 3.90 -21.99 20.09
N LEU A 516 2.99 -21.05 20.27
CA LEU A 516 3.11 -19.70 19.67
C LEU A 516 3.61 -18.73 20.77
N TYR A 517 4.61 -17.94 20.43
CA TYR A 517 5.18 -16.97 21.39
C TYR A 517 4.89 -15.56 20.87
N SER A 518 4.47 -14.65 21.74
CA SER A 518 4.17 -13.28 21.27
C SER A 518 4.86 -12.32 22.21
N CYS A 519 5.52 -11.30 21.65
CA CYS A 519 6.19 -10.31 22.48
C CYS A 519 5.49 -9.00 22.27
N GLY A 520 5.12 -8.40 23.37
CA GLY A 520 4.47 -7.10 23.37
C GLY A 520 5.41 -5.95 23.75
N GLY A 521 4.99 -4.73 23.40
CA GLY A 521 5.76 -3.55 23.70
C GLY A 521 5.95 -3.25 25.16
N GLU A 522 5.04 -3.76 25.98
CA GLU A 522 5.18 -3.68 27.45
C GLU A 522 6.29 -4.56 28.01
N GLY A 523 6.74 -5.53 27.24
CA GLY A 523 7.92 -6.32 27.60
C GLY A 523 7.74 -7.74 28.04
N ILE A 524 6.51 -8.23 27.91
CA ILE A 524 6.18 -9.60 28.23
C ILE A 524 6.14 -10.47 26.98
N VAL A 525 6.66 -11.67 27.08
CA VAL A 525 6.54 -12.63 26.10
C VAL A 525 5.53 -13.63 26.66
N LEU A 526 4.45 -13.83 25.90
CA LEU A 526 3.40 -14.89 26.21
C LEU A 526 3.61 -16.16 25.38
N GLN A 527 3.39 -17.30 26.02
CA GLN A 527 3.32 -18.59 25.36
C GLN A 527 1.84 -19.03 25.26
N HIS A 528 1.37 -19.17 24.03
CA HIS A 528 0.05 -19.56 23.69
C HIS A 528 -0.01 -20.98 23.18
N ASN A 529 -1.10 -21.68 23.51
CA ASN A 529 -1.39 -22.98 22.90
C ASN A 529 -2.23 -22.75 21.64
N PRO A 530 -1.68 -23.09 20.45
CA PRO A 530 -2.38 -22.71 19.22
C PRO A 530 -3.67 -23.53 19.00
N TRP A 531 -3.78 -24.67 19.68
CA TRP A 531 -5.09 -25.36 19.79
C TRP A 531 -6.08 -24.76 20.77
N LYS A 532 -5.63 -24.15 21.88
CA LYS A 532 -6.57 -23.58 22.85
C LYS A 532 -6.30 -22.09 23.09
N LEU A 533 -6.50 -21.30 22.04
CA LEU A 533 -6.13 -19.89 22.07
C LEU A 533 -6.92 -19.08 23.04
N SER A 534 -8.15 -19.50 23.23
CA SER A 534 -9.03 -18.86 24.19
C SER A 534 -8.74 -19.34 25.65
N GLY A 535 -8.01 -20.43 25.80
CA GLY A 535 -7.42 -20.81 27.08
C GLY A 535 -6.31 -19.93 27.67
N GLU A 536 -5.56 -20.48 28.59
CA GLU A 536 -4.52 -19.67 29.28
C GLU A 536 -3.28 -19.49 28.41
N ALA A 537 -2.70 -18.31 28.49
CA ALA A 537 -1.39 -18.07 27.89
C ALA A 537 -0.45 -17.69 29.02
N PHE A 538 0.80 -18.13 28.98
CA PHE A 538 1.69 -17.95 30.14
C PHE A 538 2.80 -16.91 29.86
N ASP A 539 2.98 -16.02 30.80
CA ASP A 539 4.15 -15.14 30.82
C ASP A 539 5.39 -15.98 31.06
N ILE A 540 6.29 -16.03 30.11
CA ILE A 540 7.48 -16.92 30.27
C ILE A 540 8.44 -16.44 31.35
N ASN A 541 8.24 -15.23 31.86
CA ASN A 541 9.17 -14.73 32.87
C ASN A 541 9.18 -15.58 34.17
N LYS A 542 8.05 -16.15 34.53
CA LYS A 542 8.01 -17.04 35.70
C LYS A 542 8.94 -18.24 35.52
N LEU A 543 8.93 -18.89 34.35
CA LEU A 543 9.83 -20.00 34.12
C LEU A 543 11.30 -19.53 34.11
N ILE A 544 11.55 -18.43 33.43
CA ILE A 544 12.92 -17.90 33.37
C ILE A 544 13.40 -17.62 34.83
N ARG A 545 12.60 -16.97 35.64
CA ARG A 545 12.95 -16.62 37.02
C ARG A 545 13.26 -17.90 37.82
N ASP A 546 12.38 -18.90 37.70
CA ASP A 546 12.53 -20.12 38.45
C ASP A 546 13.72 -20.94 38.03
N THR A 547 13.93 -21.14 36.75
CA THR A 547 14.99 -21.96 36.29
C THR A 547 16.31 -21.28 36.62
N ASN A 548 16.36 -19.93 36.57
CA ASN A 548 17.67 -19.25 36.75
C ASN A 548 17.90 -18.67 38.15
N SER A 549 16.97 -18.90 39.09
CA SER A 549 16.96 -18.41 40.45
C SER A 549 17.19 -16.90 40.52
N ILE A 550 16.48 -16.15 39.69
CA ILE A 550 16.67 -14.70 39.55
C ILE A 550 15.87 -13.99 40.64
N LYS A 551 16.46 -12.95 41.26
CA LYS A 551 15.82 -12.21 42.34
C LYS A 551 15.34 -10.81 41.96
N TYR A 552 16.08 -10.12 41.10
CA TYR A 552 15.71 -8.78 40.71
C TYR A 552 14.67 -8.87 39.53
N LYS A 553 14.05 -7.77 39.21
CA LYS A 553 13.08 -7.73 38.12
C LYS A 553 13.74 -8.08 36.81
N LEU A 554 12.99 -8.80 35.97
CA LEU A 554 13.46 -9.20 34.67
C LEU A 554 13.45 -8.07 33.66
N PRO A 555 14.34 -8.16 32.69
CA PRO A 555 14.33 -7.15 31.64
C PRO A 555 12.99 -7.11 30.83
N VAL A 556 12.75 -5.92 30.30
CA VAL A 556 11.70 -5.60 29.40
C VAL A 556 12.08 -6.15 28.01
N HIS A 557 11.44 -7.23 27.62
CA HIS A 557 11.72 -7.95 26.35
C HIS A 557 11.08 -7.28 25.15
N THR A 558 11.89 -7.07 24.12
CA THR A 558 11.46 -6.33 22.96
C THR A 558 11.53 -7.16 21.66
N GLU A 559 12.10 -8.35 21.73
CA GLU A 559 12.24 -9.18 20.53
C GLU A 559 12.47 -10.60 20.98
N ILE A 560 11.94 -11.54 20.21
CA ILE A 560 12.17 -12.95 20.44
C ILE A 560 12.52 -13.60 19.14
N SER A 561 13.51 -14.50 19.17
CA SER A 561 13.87 -15.23 17.97
C SER A 561 14.45 -16.59 18.37
N TRP A 562 13.79 -17.63 17.86
CA TRP A 562 14.20 -19.02 18.04
C TRP A 562 15.18 -19.40 17.05
N LYS A 563 16.25 -20.06 17.49
CA LYS A 563 17.21 -20.67 16.57
C LYS A 563 16.45 -21.71 15.72
N ALA A 564 16.95 -21.97 14.50
CA ALA A 564 16.27 -22.79 13.50
C ALA A 564 16.10 -24.24 13.98
N ASP A 565 17.03 -24.74 14.83
CA ASP A 565 16.87 -26.09 15.40
C ASP A 565 15.82 -26.16 16.52
N GLY A 566 15.15 -25.06 16.91
CA GLY A 566 14.24 -25.13 18.04
C GLY A 566 14.85 -25.41 19.41
N LYS A 567 16.15 -25.23 19.58
CA LYS A 567 16.76 -25.57 20.86
C LYS A 567 17.18 -24.37 21.73
N ILE A 568 17.28 -23.19 21.12
CA ILE A 568 17.77 -21.97 21.75
C ILE A 568 16.79 -20.84 21.40
N MET A 569 16.36 -20.08 22.40
CA MET A 569 15.51 -18.87 22.22
C MET A 569 16.39 -17.67 22.57
N ALA A 570 16.42 -16.66 21.71
CA ALA A 570 17.11 -15.39 22.03
C ALA A 570 16.00 -14.39 22.38
N LEU A 571 16.20 -13.65 23.44
CA LEU A 571 15.36 -12.47 23.75
C LEU A 571 16.19 -11.26 23.65
N GLY A 572 15.68 -10.27 22.92
CA GLY A 572 16.28 -8.96 22.88
C GLY A 572 15.53 -8.08 23.85
N ASN A 573 16.23 -7.16 24.50
CA ASN A 573 15.64 -6.36 25.57
C ASN A 573 15.72 -4.84 25.37
N GLU A 574 14.94 -4.12 26.16
CA GLU A 574 14.90 -2.69 26.07
C GLU A 574 16.26 -2.04 26.37
N ASP A 575 17.01 -2.63 27.29
CA ASP A 575 18.29 -2.07 27.72
C ASP A 575 19.42 -2.42 26.70
N GLY A 576 19.07 -3.11 25.59
CA GLY A 576 20.01 -3.44 24.55
C GLY A 576 20.60 -4.83 24.66
N SER A 577 20.46 -5.48 25.80
CA SER A 577 21.04 -6.81 25.98
C SER A 577 20.24 -7.84 25.14
N ILE A 578 20.89 -8.92 24.79
CA ILE A 578 20.29 -10.10 24.23
C ILE A 578 20.66 -11.30 25.07
N GLU A 579 19.66 -12.09 25.45
CA GLU A 579 19.83 -13.21 26.31
C GLU A 579 19.52 -14.49 25.56
N ILE A 580 20.36 -15.49 25.76
CA ILE A 580 20.34 -16.79 25.09
C ILE A 580 19.93 -17.87 26.08
N PHE A 581 18.77 -18.48 25.81
CA PHE A 581 18.21 -19.51 26.68
C PHE A 581 18.12 -20.85 25.97
N GLN A 582 18.32 -21.95 26.71
CA GLN A 582 18.29 -23.33 26.21
CA GLN A 582 18.25 -23.30 26.15
C GLN A 582 17.01 -24.04 26.68
N ILE A 583 16.42 -24.85 25.81
CA ILE A 583 15.36 -25.77 26.21
C ILE A 583 16.01 -26.82 27.17
N PRO A 584 15.23 -27.46 28.01
CA PRO A 584 13.76 -27.42 28.03
C PRO A 584 13.14 -26.31 28.86
N ASN A 585 13.95 -25.71 29.77
CA ASN A 585 13.49 -24.93 30.85
C ASN A 585 13.88 -23.43 30.79
N LEU A 586 14.43 -23.03 29.64
CA LEU A 586 14.92 -21.68 29.40
C LEU A 586 15.97 -21.34 30.43
N LYS A 587 16.95 -22.20 30.52
CA LYS A 587 18.15 -21.93 31.28
C LYS A 587 19.00 -20.94 30.52
N LEU A 588 19.40 -19.86 31.19
CA LEU A 588 20.19 -18.81 30.59
C LEU A 588 21.63 -19.27 30.43
N ILE A 589 22.14 -19.23 29.20
CA ILE A 589 23.54 -19.60 28.98
C ILE A 589 24.42 -18.49 28.54
N CYS A 590 23.86 -17.38 28.05
CA CYS A 590 24.70 -16.34 27.57
C CYS A 590 23.95 -15.04 27.62
N THR A 591 24.62 -13.94 28.00
CA THR A 591 24.11 -12.61 27.81
C THR A 591 25.09 -11.89 26.91
N ILE A 592 24.57 -11.28 25.86
CA ILE A 592 25.36 -10.50 24.91
C ILE A 592 25.10 -9.07 25.22
N GLN A 593 26.14 -8.35 25.62
CA GLN A 593 25.96 -6.95 25.89
C GLN A 593 26.72 -6.20 24.79
N GLN A 594 25.96 -5.71 23.80
CA GLN A 594 26.57 -5.08 22.59
C GLN A 594 25.83 -3.85 22.21
N HIS A 595 24.51 -3.97 22.08
CA HIS A 595 23.69 -2.83 21.72
C HIS A 595 23.51 -1.98 22.98
N HIS A 596 23.42 -0.69 22.81
CA HIS A 596 23.17 0.20 23.95
C HIS A 596 21.76 0.76 23.91
N LYS A 597 20.93 0.28 23.00
CA LYS A 597 19.55 0.76 22.93
C LYS A 597 18.64 -0.43 22.61
N LEU A 598 17.35 -0.19 22.72
CA LEU A 598 16.32 -1.23 22.60
C LEU A 598 16.55 -2.13 21.35
N VAL A 599 16.52 -3.41 21.57
CA VAL A 599 16.70 -4.38 20.47
C VAL A 599 15.41 -4.57 19.68
N ASN A 600 15.49 -4.31 18.39
CA ASN A 600 14.30 -4.39 17.51
C ASN A 600 14.18 -5.75 16.74
N THR A 601 15.32 -6.37 16.42
CA THR A 601 15.31 -7.50 15.48
C THR A 601 16.47 -8.39 15.76
N ILE A 602 16.20 -9.68 15.77
CA ILE A 602 17.20 -10.75 15.86
C ILE A 602 16.89 -11.79 14.84
N SER A 603 17.92 -12.30 14.15
CA SER A 603 17.70 -13.38 13.21
C SER A 603 18.82 -14.36 13.22
N TRP A 604 18.49 -15.64 13.27
CA TRP A 604 19.52 -16.71 13.28
C TRP A 604 19.73 -17.21 11.85
N HIS A 605 20.99 -17.46 11.46
CA HIS A 605 21.31 -17.97 10.15
C HIS A 605 20.71 -19.33 9.92
N HIS A 606 20.36 -19.56 8.66
CA HIS A 606 19.72 -20.80 8.30
C HIS A 606 20.75 -21.99 8.42
N GLU A 607 20.22 -23.21 8.29
CA GLU A 607 20.97 -24.49 8.49
C GLU A 607 21.38 -25.20 7.20
N HIS A 608 21.14 -24.62 6.05
CA HIS A 608 21.43 -25.29 4.76
C HIS A 608 22.55 -24.61 3.94
N GLY A 609 23.44 -23.87 4.60
CA GLY A 609 24.57 -23.27 3.94
C GLY A 609 25.66 -24.35 3.80
N SER A 610 26.82 -23.89 3.31
CA SER A 610 27.96 -24.74 3.00
C SER A 610 28.70 -25.28 4.24
N GLN A 611 28.67 -24.58 5.37
CA GLN A 611 29.32 -25.09 6.61
C GLN A 611 28.28 -25.15 7.72
N PRO A 612 28.31 -26.23 8.53
CA PRO A 612 27.35 -26.29 9.66
C PRO A 612 27.52 -25.13 10.72
N GLU A 613 28.75 -24.61 10.90
CA GLU A 613 29.06 -23.50 11.83
C GLU A 613 28.11 -22.28 11.66
N LEU A 614 27.66 -22.05 10.44
CA LEU A 614 26.83 -20.86 10.13
C LEU A 614 25.52 -20.86 10.89
N SER A 615 24.94 -22.00 11.26
CA SER A 615 23.66 -21.97 12.03
C SER A 615 23.82 -21.35 13.44
N TYR A 616 25.07 -21.03 13.84
CA TYR A 616 25.31 -20.40 15.15
C TYR A 616 25.39 -18.91 15.07
N LEU A 617 25.28 -18.37 13.84
CA LEU A 617 25.43 -16.96 13.67
C LEU A 617 24.11 -16.28 13.99
N MET A 618 24.20 -15.15 14.67
CA MET A 618 22.96 -14.46 15.06
C MET A 618 23.16 -13.02 14.78
N ALA A 619 22.33 -12.41 13.87
CA ALA A 619 22.42 -10.99 13.55
C ALA A 619 21.41 -10.22 14.41
N SER A 620 21.72 -8.98 14.77
CA SER A 620 20.80 -8.18 15.54
C SER A 620 20.92 -6.69 15.27
N GLY A 621 19.76 -6.05 15.42
CA GLY A 621 19.63 -4.63 15.25
C GLY A 621 18.81 -3.97 16.35
N SER A 622 19.19 -2.71 16.66
CA SER A 622 18.66 -1.93 17.72
C SER A 622 18.26 -0.59 17.24
N ASN A 623 17.93 0.29 18.17
CA ASN A 623 17.63 1.70 17.84
C ASN A 623 18.88 2.49 17.45
N ASN A 624 20.06 1.92 17.65
CA ASN A 624 21.25 2.48 17.04
C ASN A 624 21.40 1.89 15.60
N ALA A 625 22.20 2.59 14.80
CA ALA A 625 22.44 2.26 13.39
C ALA A 625 23.34 1.04 13.12
N VAL A 626 24.28 0.75 14.01
CA VAL A 626 25.26 -0.30 13.81
C VAL A 626 24.66 -1.67 14.07
N ILE A 627 24.91 -2.61 13.18
CA ILE A 627 24.42 -3.95 13.29
C ILE A 627 25.50 -4.89 13.80
N TYR A 628 25.13 -5.88 14.60
CA TYR A 628 26.07 -6.87 15.02
C TYR A 628 25.73 -8.27 14.59
N VAL A 629 26.78 -9.09 14.41
CA VAL A 629 26.63 -10.47 14.32
C VAL A 629 27.43 -11.07 15.51
N HIS A 630 26.85 -12.10 16.15
CA HIS A 630 27.50 -12.91 17.15
C HIS A 630 27.51 -14.34 16.72
N ASN A 631 28.57 -15.06 17.18
CA ASN A 631 28.76 -16.46 16.87
C ASN A 631 28.69 -17.24 18.09
N LEU A 632 27.61 -17.99 18.21
CA LEU A 632 27.28 -18.57 19.51
C LEU A 632 27.65 -20.08 19.60
N LYS A 633 28.49 -20.52 18.68
CA LYS A 633 28.90 -21.94 18.66
C LYS A 633 29.56 -22.36 20.02
N THR A 634 30.57 -21.62 20.40
CA THR A 634 31.35 -22.00 21.59
C THR A 634 30.49 -22.12 22.80
N VAL A 635 29.68 -21.10 23.09
CA VAL A 635 28.85 -21.12 24.28
CA VAL A 635 28.84 -21.11 24.30
C VAL A 635 27.76 -22.18 24.25
N ILE A 636 27.06 -22.29 23.13
CA ILE A 636 25.99 -23.27 23.01
C ILE A 636 26.60 -24.69 23.17
N GLU A 637 27.72 -24.97 22.50
CA GLU A 637 28.37 -26.30 22.56
C GLU A 637 28.97 -26.64 23.92
N SER A 638 29.41 -25.64 24.67
CA SER A 638 29.86 -25.89 26.05
C SER A 638 28.76 -26.05 27.10
N SER A 639 27.50 -25.84 26.75
CA SER A 639 26.36 -25.87 27.71
C SER A 639 26.72 -25.45 29.17
N PRO A 640 27.17 -24.19 29.39
CA PRO A 640 27.67 -23.87 30.72
C PRO A 640 26.59 -23.87 31.85
N GLU A 641 27.03 -24.24 33.06
CA GLU A 641 26.16 -24.32 34.26
C GLU A 641 25.90 -22.93 34.84
N SER A 642 26.82 -21.99 34.59
CA SER A 642 26.52 -20.57 34.87
C SER A 642 26.78 -19.75 33.58
N PRO A 643 25.96 -18.71 33.38
CA PRO A 643 25.99 -18.04 32.09
C PRO A 643 27.24 -17.24 31.79
N VAL A 644 27.59 -17.15 30.51
CA VAL A 644 28.72 -16.38 30.00
C VAL A 644 28.22 -15.00 29.58
N THR A 645 29.05 -13.96 29.69
CA THR A 645 28.74 -12.63 29.08
C THR A 645 29.62 -12.39 27.89
N ILE A 646 29.03 -12.02 26.75
CA ILE A 646 29.85 -11.71 25.56
C ILE A 646 29.75 -10.22 25.39
N THR A 647 30.88 -9.58 25.16
CA THR A 647 30.94 -8.15 25.01
C THR A 647 31.70 -7.71 23.78
N GLU A 648 32.09 -8.61 22.88
CA GLU A 648 32.77 -8.23 21.65
C GLU A 648 31.97 -8.85 20.51
N PRO A 649 31.83 -8.11 19.43
CA PRO A 649 31.01 -8.66 18.32
C PRO A 649 31.81 -9.64 17.51
N TYR A 650 31.17 -10.64 16.91
CA TYR A 650 31.87 -11.49 15.91
C TYR A 650 32.11 -10.68 14.62
N ARG A 651 31.06 -10.02 14.11
CA ARG A 651 31.22 -9.03 13.01
C ARG A 651 30.41 -7.80 13.31
N THR A 652 30.80 -6.67 12.74
CA THR A 652 30.17 -5.41 12.92
C THR A 652 29.83 -4.85 11.56
N LEU A 653 28.57 -4.42 11.37
CA LEU A 653 28.15 -3.91 10.09
C LEU A 653 27.71 -2.49 10.24
N SER A 654 28.57 -1.55 9.87
CA SER A 654 28.30 -0.10 9.98
C SER A 654 28.05 0.53 8.67
N GLY A 655 27.21 1.55 8.65
CA GLY A 655 26.87 2.20 7.41
C GLY A 655 25.54 2.92 7.49
N HIS A 656 24.53 2.28 8.12
CA HIS A 656 23.27 2.94 8.24
C HIS A 656 23.43 4.15 9.14
N THR A 657 22.47 5.02 9.04
CA THR A 657 22.46 6.26 9.79
C THR A 657 21.24 6.44 10.64
N ALA A 658 20.41 5.38 10.84
CA ALA A 658 19.29 5.47 11.77
C ALA A 658 18.85 4.02 12.15
N LYS A 659 17.84 3.94 13.00
CA LYS A 659 17.54 2.68 13.63
C LYS A 659 17.28 1.51 12.66
N ILE A 660 17.56 0.32 13.10
CA ILE A 660 17.47 -0.88 12.34
C ILE A 660 16.20 -1.60 12.83
N THR A 661 15.23 -1.71 11.93
CA THR A 661 13.95 -2.36 12.21
C THR A 661 13.87 -3.85 11.95
N SER A 662 14.69 -4.35 11.05
CA SER A 662 14.55 -5.70 10.61
C SER A 662 15.85 -6.13 9.97
N VAL A 663 16.30 -7.34 10.33
CA VAL A 663 17.43 -7.99 9.62
C VAL A 663 17.05 -9.38 9.19
N ALA A 664 17.54 -9.83 8.03
CA ALA A 664 17.19 -11.17 7.56
C ALA A 664 18.38 -11.79 6.82
N TRP A 665 18.64 -13.09 7.01
CA TRP A 665 19.76 -13.75 6.27
C TRP A 665 19.23 -14.34 4.93
N SER A 666 20.02 -14.27 3.88
CA SER A 666 19.67 -14.89 2.62
C SER A 666 19.60 -16.38 2.73
N PRO A 667 18.48 -17.01 2.33
CA PRO A 667 18.51 -18.47 2.30
C PRO A 667 19.38 -19.05 1.14
N HIS A 668 19.82 -18.19 0.21
CA HIS A 668 20.62 -18.60 -0.98
C HIS A 668 22.13 -18.53 -0.83
N HIS A 669 22.62 -18.04 0.30
CA HIS A 669 24.00 -17.74 0.48
C HIS A 669 24.46 -18.13 1.89
N ASP A 670 25.79 -18.04 2.07
CA ASP A 670 26.42 -18.14 3.37
C ASP A 670 26.69 -16.75 3.82
N GLY A 671 26.16 -16.37 4.97
CA GLY A 671 26.57 -15.13 5.60
C GLY A 671 26.22 -13.88 4.87
N ARG A 672 25.09 -13.88 4.13
CA ARG A 672 24.60 -12.67 3.52
C ARG A 672 23.35 -12.12 4.25
N LEU A 673 23.38 -10.85 4.61
CA LEU A 673 22.31 -10.27 5.45
C LEU A 673 21.72 -9.13 4.73
N VAL A 674 20.41 -8.94 4.90
CA VAL A 674 19.80 -7.69 4.49
C VAL A 674 19.23 -7.03 5.73
N SER A 675 19.34 -5.71 5.80
CA SER A 675 18.82 -4.90 6.91
C SER A 675 17.91 -3.82 6.38
N ALA A 676 16.87 -3.51 7.15
CA ALA A 676 15.98 -2.39 6.91
C ALA A 676 16.19 -1.32 7.96
N SER A 677 16.18 -0.06 7.51
CA SER A 677 16.43 1.05 8.40
C SER A 677 15.51 2.20 8.28
N TYR A 678 15.40 2.94 9.39
CA TYR A 678 14.71 4.22 9.39
C TYR A 678 15.44 5.27 8.54
N ASP A 679 16.67 4.96 8.12
CA ASP A 679 17.39 5.85 7.15
C ASP A 679 16.79 5.84 5.76
N GLY A 680 15.77 5.00 5.53
CA GLY A 680 15.04 4.92 4.25
C GLY A 680 15.66 4.00 3.26
N THR A 681 16.59 3.19 3.69
CA THR A 681 17.21 2.24 2.81
C THR A 681 17.24 0.87 3.37
N ALA A 682 17.34 -0.09 2.46
CA ALA A 682 17.74 -1.43 2.79
C ALA A 682 19.14 -1.73 2.31
N GLN A 683 19.90 -2.49 3.10
CA GLN A 683 21.28 -2.80 2.79
C GLN A 683 21.57 -4.25 2.79
N VAL A 684 22.26 -4.70 1.75
CA VAL A 684 22.70 -6.10 1.64
C VAL A 684 24.17 -6.15 2.04
N TRP A 685 24.51 -7.10 2.89
CA TRP A 685 25.86 -7.17 3.42
C TRP A 685 26.44 -8.56 3.22
N ASP A 686 27.73 -8.63 2.86
CA ASP A 686 28.45 -9.86 3.14
C ASP A 686 28.91 -9.77 4.61
N ALA A 687 28.17 -10.44 5.50
CA ALA A 687 28.39 -10.21 6.93
C ALA A 687 29.75 -10.74 7.38
N LEU A 688 30.15 -11.85 6.80
CA LEU A 688 31.39 -12.48 7.12
C LEU A 688 32.57 -11.67 6.69
N ARG A 689 32.48 -10.88 5.63
CA ARG A 689 33.57 -9.98 5.28
C ARG A 689 33.33 -8.54 5.75
N GLU A 690 32.25 -8.30 6.50
CA GLU A 690 31.85 -6.97 6.88
C GLU A 690 31.81 -6.01 5.70
N GLU A 691 31.22 -6.47 4.64
CA GLU A 691 31.33 -5.74 3.38
C GLU A 691 29.94 -5.31 2.90
N PRO A 692 29.67 -4.00 2.86
CA PRO A 692 28.34 -3.65 2.27
C PRO A 692 28.30 -3.86 0.76
N LEU A 693 27.26 -4.53 0.24
CA LEU A 693 27.20 -4.89 -1.24
C LEU A 693 26.24 -4.02 -2.02
N CYS A 694 25.06 -3.77 -1.47
CA CYS A 694 24.00 -3.19 -2.26
C CYS A 694 23.03 -2.43 -1.36
N ASN A 695 22.67 -1.21 -1.77
CA ASN A 695 21.77 -0.34 -1.02
C ASN A 695 20.58 0.02 -1.88
N PHE A 696 19.38 -0.32 -1.40
CA PHE A 696 18.11 0.00 -2.10
C PHE A 696 17.51 1.28 -1.52
N ARG A 697 17.16 2.20 -2.42
CA ARG A 697 16.70 3.53 -2.07
C ARG A 697 15.39 3.88 -2.64
N GLY A 698 14.64 2.88 -3.08
CA GLY A 698 13.35 3.16 -3.72
C GLY A 698 12.24 3.65 -2.79
N HIS A 699 12.32 3.35 -1.49
CA HIS A 699 11.25 3.79 -0.63
C HIS A 699 11.39 5.27 -0.37
N GLN A 700 10.28 5.92 -0.09
CA GLN A 700 10.25 7.30 0.38
C GLN A 700 10.21 7.33 1.88
N GLY A 701 9.79 6.25 2.52
CA GLY A 701 9.62 6.26 3.95
C GLY A 701 10.70 5.51 4.72
N ARG A 702 10.37 5.23 6.00
CA ARG A 702 11.20 4.52 6.87
C ARG A 702 10.85 3.05 6.78
N LEU A 703 11.86 2.19 6.58
CA LEU A 703 11.58 0.81 6.34
C LEU A 703 11.31 0.12 7.68
N LEU A 704 10.35 -0.77 7.67
CA LEU A 704 9.95 -1.52 8.81
C LEU A 704 10.17 -3.03 8.74
N CYS A 705 10.36 -3.56 7.54
CA CYS A 705 10.46 -5.00 7.33
C CYS A 705 11.15 -5.29 6.01
N VAL A 706 11.82 -6.46 5.97
CA VAL A 706 12.50 -6.91 4.78
CA VAL A 706 12.51 -6.93 4.76
C VAL A 706 12.49 -8.45 4.76
N ALA A 707 12.42 -9.03 3.57
CA ALA A 707 12.45 -10.50 3.49
C ALA A 707 13.01 -10.88 2.18
N TRP A 708 13.96 -11.84 2.18
CA TRP A 708 14.53 -12.29 0.86
CA TRP A 708 14.54 -12.35 0.90
C TRP A 708 13.48 -13.08 0.06
N SER A 709 13.45 -12.91 -1.26
CA SER A 709 12.55 -13.77 -2.06
C SER A 709 13.00 -15.25 -1.92
N PRO A 710 12.06 -16.18 -1.92
CA PRO A 710 12.46 -17.59 -1.69
C PRO A 710 13.18 -18.24 -2.90
N LEU A 711 12.86 -17.81 -4.13
CA LEU A 711 13.47 -18.46 -5.30
C LEU A 711 14.50 -17.67 -6.07
N ASP A 712 14.57 -16.37 -5.88
CA ASP A 712 15.54 -15.53 -6.61
C ASP A 712 16.56 -14.93 -5.67
N PRO A 713 17.81 -15.40 -5.77
CA PRO A 713 18.91 -14.88 -4.92
C PRO A 713 19.17 -13.37 -5.01
N ASP A 714 18.69 -12.78 -6.08
CA ASP A 714 18.87 -11.39 -6.37
C ASP A 714 17.68 -10.52 -5.95
N CYS A 715 16.58 -11.13 -5.47
CA CYS A 715 15.36 -10.39 -5.23
CA CYS A 715 15.30 -10.43 -5.23
C CYS A 715 14.97 -10.37 -3.75
N ILE A 716 14.63 -9.19 -3.29
CA ILE A 716 14.32 -8.88 -1.89
C ILE A 716 12.99 -8.08 -1.92
N TYR A 717 12.13 -8.28 -0.91
CA TYR A 717 10.98 -7.46 -0.59
C TYR A 717 11.21 -6.61 0.64
N SER A 718 10.77 -5.37 0.58
CA SER A 718 10.80 -4.51 1.75
C SER A 718 9.48 -3.73 1.86
N GLY A 719 9.08 -3.47 3.07
CA GLY A 719 7.91 -2.68 3.45
C GLY A 719 8.28 -1.46 4.32
N ALA A 720 7.56 -0.36 4.13
CA ALA A 720 7.85 0.88 4.88
C ALA A 720 6.59 1.67 5.26
N ASP A 721 6.84 2.72 6.02
CA ASP A 721 5.81 3.62 6.45
C ASP A 721 5.38 4.61 5.36
N ASP A 722 5.87 4.40 4.12
CA ASP A 722 5.34 5.05 2.90
C ASP A 722 4.14 4.33 2.31
N PHE A 723 3.64 3.28 2.99
CA PHE A 723 2.55 2.43 2.56
C PHE A 723 2.90 1.61 1.32
N CYS A 724 4.16 1.30 1.14
CA CYS A 724 4.60 0.62 -0.05
C CYS A 724 5.28 -0.67 0.34
N VAL A 725 5.07 -1.69 -0.50
CA VAL A 725 5.97 -2.87 -0.53
C VAL A 725 6.64 -2.87 -1.86
N HIS A 726 7.97 -2.85 -1.83
CA HIS A 726 8.77 -3.00 -3.07
C HIS A 726 9.44 -4.37 -3.12
N LYS A 727 9.33 -4.96 -4.29
CA LYS A 727 10.12 -6.10 -4.69
C LYS A 727 11.21 -5.57 -5.59
N TRP A 728 12.48 -5.82 -5.22
CA TRP A 728 13.60 -5.19 -5.93
C TRP A 728 14.75 -6.13 -6.15
N LEU A 729 15.59 -5.80 -7.13
CA LEU A 729 16.65 -6.68 -7.59
CA LEU A 729 16.65 -6.68 -7.60
C LEU A 729 17.99 -6.07 -7.20
N THR A 730 18.85 -6.84 -6.52
CA THR A 730 20.16 -6.28 -6.12
C THR A 730 20.95 -5.85 -7.40
N SER A 731 20.78 -6.59 -8.47
CA SER A 731 21.49 -6.34 -9.70
C SER A 731 21.11 -5.02 -10.36
N MET A 732 19.96 -4.41 -10.00
CA MET A 732 19.47 -3.15 -10.58
C MET A 732 19.74 -1.94 -9.72
N GLN A 733 20.45 -2.11 -8.63
CA GLN A 733 20.63 -1.00 -7.75
C GLN A 733 22.02 -0.44 -7.98
N ASP A 734 22.07 0.90 -7.98
CA ASP A 734 23.25 1.71 -8.33
C ASP A 734 24.22 2.02 -7.17
N HIS A 735 23.89 1.74 -5.91
CA HIS A 735 24.78 2.04 -4.78
C HIS A 735 25.14 0.81 -3.96
N SER A 736 26.30 0.87 -3.30
CA SER A 736 26.80 -0.29 -2.60
C SER A 736 26.58 -0.19 -1.08
N ARG A 737 26.25 0.99 -0.61
CA ARG A 737 26.27 1.32 0.81
C ARG A 737 25.25 2.44 1.05
N PRO A 738 24.78 2.62 2.31
CA PRO A 738 23.81 3.60 2.58
C PRO A 738 24.34 5.05 2.41
N PRO A 739 23.45 6.00 2.19
CA PRO A 739 23.90 7.39 2.21
C PRO A 739 24.64 7.75 3.53
N GLN A 740 25.69 8.58 3.43
CA GLN A 740 26.40 9.08 4.60
C GLN A 740 25.75 10.42 4.83
UNK UNX C . 22.97 -15.97 4.47
UNK UNX D . 15.72 -16.74 13.26
UNK UNX E . -14.42 16.85 -0.91
UNK UNX F . -2.00 28.04 -0.81
UNK UNX G . -13.20 8.34 -24.10
UNK UNX H . -21.29 -2.57 -25.94
UNK UNX I . 11.01 -15.79 -5.60
UNK UNX J . -2.71 11.72 2.66
UNK UNX K . -13.00 17.59 -3.06
UNK UNX L . -2.61 -15.24 -2.15
UNK UNX M . -14.46 9.46 -13.17
UNK UNX N . -13.14 11.24 -12.66
UNK UNX O . -10.32 11.28 -14.85
UNK UNX P . -35.62 5.68 -5.24
UNK UNX Q . 2.75 31.01 -10.37
UNK UNX R . 3.48 29.53 -12.23
UNK UNX S . 1.15 32.46 -9.33
UNK UNX T . 0.61 33.12 -11.86
UNK UNX U . -9.82 15.99 -22.11
UNK UNX V . -36.95 4.34 -7.15
UNK UNX W . 7.12 4.58 11.33
UNK UNX X . 14.41 7.04 -1.36
#